data_8TKA
#
_entry.id   8TKA
#
_cell.length_a   137.111
_cell.length_b   137.111
_cell.length_c   98.248
_cell.angle_alpha   90.00
_cell.angle_beta   90.00
_cell.angle_gamma   120.00
#
_symmetry.space_group_name_H-M   'P 65'
#
_entity_poly.entity_id   1
_entity_poly.type   'polypeptide(L)'
_entity_poly.pdbx_seq_one_letter_code
;(MSE)ASSLRAAISKIKRDDVGQQVCPNYV(MSE)LRSSVTTKVVRNVVEYQIRTGGFFSCLA(MSE)LRPLQYAKRERL
LGQRNLERISTRDILQTRDLHSLC(MSE)PTPDAP(MSE)SNHQAST(MSE)RELICSYFKVDHADGLKYIP(MSE)DER
YSPSSLARLFT(MSE)G(MSE)AGLHITTEPSYKRVPI(MSE)HLAADLDC(MSE)TLALPY(MSE)ITLDGDTVVPVAP
TLSAEQLLDDGLKGLAC(MSE)DISYGCEVDANSRPAGDQS(MSE)DSSRCINELYCEETAEAICVLKTCLVLNC(MSE)
QFKLE(MSE)DDLAHNAAELDKIQ(MSE)(MSE)IPFSERVFR(MSE)ASSFATIDAQCFRFCV(MSE)(MSE)KDKNLK
ID(MSE)RETTRLWTRSASDDSVATSSLSISLDRGRWVAADASDARLLVFPIRV
;
_entity_poly.pdbx_strand_id   A,B
#
# COMPACT_ATOMS: atom_id res chain seq x y z
N ALA A 2 21.16 24.62 48.38
CA ALA A 2 19.93 24.19 47.66
C ALA A 2 18.85 25.27 47.57
N SER A 3 17.86 25.01 46.70
CA SER A 3 16.75 25.93 46.39
C SER A 3 15.54 25.13 45.90
N SER A 4 14.35 25.46 46.39
CA SER A 4 13.11 24.82 45.93
C SER A 4 12.69 25.32 44.56
N LEU A 5 13.08 26.55 44.22
CA LEU A 5 12.85 27.05 42.88
C LEU A 5 13.62 26.20 41.89
N ARG A 6 14.92 26.03 42.16
CA ARG A 6 15.78 25.19 41.34
C ARG A 6 15.21 23.79 41.14
N ALA A 7 14.68 23.19 42.21
CA ALA A 7 14.07 21.87 42.17
C ALA A 7 12.81 21.82 41.31
N ALA A 8 11.98 22.84 41.42
CA ALA A 8 10.78 22.96 40.59
C ALA A 8 11.16 23.05 39.13
N ILE A 9 12.14 23.91 38.84
CA ILE A 9 12.61 24.14 37.48
C ILE A 9 13.30 22.89 36.96
N SER A 10 13.94 22.16 37.86
CA SER A 10 14.51 20.87 37.53
C SER A 10 13.50 19.84 37.02
N LYS A 11 12.33 19.79 37.65
CA LYS A 11 11.31 18.80 37.29
C LYS A 11 10.68 19.02 35.92
N ILE A 12 10.87 20.20 35.34
CA ILE A 12 10.31 20.53 34.04
C ILE A 12 11.12 19.88 32.96
N LYS A 13 10.52 18.85 32.38
CA LYS A 13 10.91 18.31 31.08
C LYS A 13 11.17 19.40 30.03
N ARG A 14 12.35 19.33 29.41
CA ARG A 14 12.88 20.37 28.52
C ARG A 14 13.18 19.79 27.14
N ASP A 15 12.15 19.37 26.42
CA ASP A 15 12.34 18.94 25.01
C ASP A 15 12.79 20.16 24.19
N ASP A 16 12.12 21.28 24.41
CA ASP A 16 12.51 22.61 23.87
C ASP A 16 12.87 22.59 22.37
N VAL A 17 12.02 21.93 21.58
CA VAL A 17 12.15 21.97 20.12
C VAL A 17 11.81 23.37 19.56
N GLY A 18 10.80 24.04 20.12
CA GLY A 18 10.47 25.45 19.77
C GLY A 18 9.65 26.13 20.87
N GLN A 19 8.92 27.23 20.57
CA GLN A 19 7.84 27.70 21.48
C GLN A 19 6.60 26.85 21.14
N GLN A 20 6.15 26.03 22.10
CA GLN A 20 4.97 25.19 21.90
C GLN A 20 3.74 26.03 22.07
N VAL A 21 2.82 25.89 21.11
CA VAL A 21 1.64 26.73 21.00
C VAL A 21 0.44 25.83 20.95
N CYS A 22 -0.56 26.15 21.77
CA CYS A 22 -1.77 25.36 21.88
C CYS A 22 -1.46 23.88 22.08
N PRO A 23 -0.65 23.52 23.11
CA PRO A 23 -0.53 22.11 23.47
C PRO A 23 -1.80 21.69 24.16
N ASN A 24 -1.89 20.43 24.54
CA ASN A 24 -3.15 19.87 25.00
C ASN A 24 -4.26 19.94 23.95
N TYR A 25 -3.89 20.15 22.69
CA TYR A 25 -4.82 20.16 21.59
C TYR A 25 -4.40 19.05 20.68
N VAL A 26 -5.31 18.63 19.83
CA VAL A 26 -5.06 17.56 18.90
C VAL A 26 -4.46 18.08 17.60
N LEU A 28 -4.45 21.69 16.56
CA LEU A 28 -3.82 22.99 16.65
C LEU A 28 -2.51 22.98 17.43
N ARG A 29 -2.13 21.81 17.95
CA ARG A 29 -0.82 21.68 18.56
C ARG A 29 0.25 22.12 17.54
N SER A 30 1.00 23.15 17.92
CA SER A 30 1.88 23.85 17.02
C SER A 30 3.24 24.04 17.69
N SER A 31 4.24 24.35 16.88
CA SER A 31 5.57 24.64 17.39
C SER A 31 6.18 25.68 16.50
N VAL A 32 6.53 26.83 17.05
CA VAL A 32 7.21 27.86 16.27
C VAL A 32 8.72 27.80 16.54
N THR A 33 9.51 27.73 15.47
CA THR A 33 10.96 27.68 15.57
C THR A 33 11.51 28.87 14.82
N THR A 34 12.41 29.59 15.47
CA THR A 34 12.97 30.82 14.95
C THR A 34 14.20 30.53 14.09
N LYS A 35 14.13 30.87 12.81
CA LYS A 35 15.23 30.68 11.89
C LYS A 35 15.65 32.05 11.47
N VAL A 36 16.96 32.31 11.48
CA VAL A 36 17.48 33.63 11.11
C VAL A 36 18.47 33.50 9.93
N VAL A 37 18.30 34.36 8.93
CA VAL A 37 19.25 34.50 7.82
C VAL A 37 19.44 35.99 7.58
N ARG A 38 20.68 36.40 7.29
CA ARG A 38 21.06 37.82 7.32
C ARG A 38 20.68 38.48 8.66
N ASN A 39 19.87 39.56 8.64
CA ASN A 39 19.26 40.11 9.85
C ASN A 39 17.75 39.95 9.82
N VAL A 40 17.26 39.03 8.97
CA VAL A 40 15.82 38.73 8.91
C VAL A 40 15.52 37.39 9.62
N VAL A 41 14.64 37.47 10.61
CA VAL A 41 14.17 36.31 11.35
C VAL A 41 12.85 35.88 10.75
N GLU A 42 12.78 34.61 10.32
CA GLU A 42 11.55 34.05 9.77
C GLU A 42 11.07 32.93 10.69
N TYR A 43 9.78 32.96 11.03
CA TYR A 43 9.18 32.04 11.99
C TYR A 43 8.60 30.84 11.22
N GLN A 44 8.98 29.63 11.61
CA GLN A 44 8.53 28.39 10.98
C GLN A 44 7.55 27.67 11.90
N ILE A 45 6.36 27.35 11.37
CA ILE A 45 5.29 26.76 12.14
C ILE A 45 5.10 25.29 11.72
N ARG A 46 5.37 24.37 12.64
CA ARG A 46 5.12 22.94 12.45
C ARG A 46 3.79 22.59 13.12
N THR A 47 2.90 21.97 12.37
CA THR A 47 1.57 21.64 12.87
C THR A 47 1.19 20.21 12.48
N GLY A 48 2.10 19.30 12.81
CA GLY A 48 2.05 17.93 12.33
C GLY A 48 0.83 17.11 12.71
N GLY A 49 0.15 17.51 13.79
CA GLY A 49 -1.08 16.85 14.22
C GLY A 49 -2.18 17.00 13.20
N PHE A 50 -2.36 18.23 12.71
CA PHE A 50 -3.37 18.51 11.69
C PHE A 50 -3.15 17.71 10.41
N PHE A 51 -1.94 17.75 9.89
CA PHE A 51 -1.64 17.06 8.64
C PHE A 51 -1.56 15.56 8.82
N SER A 52 -1.28 15.09 10.02
CA SER A 52 -1.37 13.65 10.34
C SER A 52 -2.80 13.12 10.28
N CYS A 53 -3.72 13.90 10.84
CA CYS A 53 -5.11 13.49 10.87
C CYS A 53 -5.82 13.67 9.55
N LEU A 54 -5.27 14.46 8.63
CA LEU A 54 -5.78 14.52 7.25
C LEU A 54 -5.17 13.46 6.37
N ALA A 55 -4.02 12.93 6.76
CA ALA A 55 -3.47 11.75 6.12
C ALA A 55 -4.31 10.49 6.34
N LEU A 57 -7.14 10.13 5.26
CA LEU A 57 -7.81 9.92 4.00
C LEU A 57 -7.26 8.75 3.18
N ARG A 58 -6.06 8.26 3.54
CA ARG A 58 -5.46 7.07 2.97
C ARG A 58 -5.05 6.11 4.08
N PRO A 59 -5.99 5.29 4.58
CA PRO A 59 -5.81 4.62 5.87
C PRO A 59 -4.60 3.71 5.99
N LEU A 60 -4.29 2.95 4.95
CA LEU A 60 -3.15 2.05 5.02
C LEU A 60 -1.82 2.82 5.25
N GLN A 61 -1.71 3.98 4.64
CA GLN A 61 -0.58 4.87 4.87
C GLN A 61 -0.55 5.42 6.28
N TYR A 62 -1.71 5.76 6.81
CA TYR A 62 -1.80 6.17 8.18
C TYR A 62 -1.31 5.03 9.10
N ALA A 63 -1.59 3.79 8.74
CA ALA A 63 -1.19 2.68 9.57
C ALA A 63 0.19 2.09 9.28
N LYS A 64 0.89 2.58 8.26
CA LYS A 64 2.05 1.89 7.67
C LYS A 64 3.18 1.50 8.62
N ARG A 65 3.66 2.42 9.43
CA ARG A 65 4.68 2.08 10.41
C ARG A 65 4.04 1.44 11.63
N GLU A 66 2.92 1.98 12.09
CA GLU A 66 2.30 1.52 13.34
C GLU A 66 1.88 0.05 13.40
N ARG A 67 1.67 -0.56 12.24
CA ARG A 67 1.39 -1.99 12.18
C ARG A 67 2.62 -2.88 12.39
N LEU A 68 3.81 -2.34 12.17
CA LEU A 68 5.08 -3.05 12.45
C LEU A 68 5.46 -2.97 13.94
N LEU A 69 5.04 -1.89 14.59
CA LEU A 69 5.16 -1.76 16.05
C LEU A 69 4.19 -2.74 16.74
N GLY A 70 4.65 -3.37 17.82
CA GLY A 70 3.84 -4.36 18.54
C GLY A 70 2.93 -3.73 19.58
N GLN A 71 2.22 -4.58 20.33
CA GLN A 71 1.39 -4.13 21.48
C GLN A 71 2.17 -3.51 22.66
N ARG A 72 3.50 -3.62 22.63
CA ARG A 72 4.41 -2.98 23.59
C ARG A 72 4.19 -1.47 23.81
N ASN A 73 4.03 -0.71 22.71
CA ASN A 73 3.95 0.75 22.77
C ASN A 73 2.62 1.23 23.37
N LEU A 74 1.51 0.55 23.07
CA LEU A 74 0.19 0.90 23.61
C LEU A 74 0.00 0.65 25.10
N GLU A 75 0.57 -0.46 25.59
CA GLU A 75 0.63 -0.71 27.02
C GLU A 75 1.48 0.41 27.64
N ARG A 76 2.69 0.62 27.12
CA ARG A 76 3.62 1.66 27.60
C ARG A 76 2.98 3.04 27.74
N ILE A 77 2.18 3.43 26.75
CA ILE A 77 1.45 4.69 26.78
C ILE A 77 0.42 4.71 27.92
N SER A 78 -0.31 3.61 28.08
CA SER A 78 -1.34 3.54 29.14
C SER A 78 -0.77 3.51 30.56
N THR A 79 0.46 3.02 30.72
CA THR A 79 1.11 2.95 32.03
C THR A 79 1.51 4.33 32.52
N ARG A 80 1.86 5.23 31.59
CA ARG A 80 2.37 6.57 31.92
C ARG A 80 1.54 7.26 33.02
N ASP A 81 2.25 7.82 34.00
CA ASP A 81 1.59 8.45 35.17
C ASP A 81 0.70 9.64 34.81
N ILE A 82 1.18 10.50 33.92
CA ILE A 82 0.40 11.64 33.42
C ILE A 82 -0.04 11.31 32.00
N LEU A 83 -1.34 11.15 31.82
CA LEU A 83 -1.88 10.81 30.53
C LEU A 83 -2.21 12.17 29.88
N GLN A 84 -1.33 12.60 28.96
CA GLN A 84 -1.52 13.83 28.22
C GLN A 84 -2.50 13.54 27.05
N THR A 85 -3.06 14.59 26.48
CA THR A 85 -4.00 14.47 25.35
C THR A 85 -3.44 13.69 24.13
N ARG A 86 -2.15 13.85 23.89
CA ARG A 86 -1.47 13.18 22.81
C ARG A 86 -1.50 11.67 22.99
N ASP A 87 -1.23 11.24 24.21
CA ASP A 87 -1.26 9.82 24.60
C ASP A 87 -2.68 9.26 24.52
N LEU A 88 -3.66 10.04 24.97
CA LEU A 88 -5.06 9.63 24.88
C LEU A 88 -5.53 9.49 23.45
N HIS A 89 -5.07 10.39 22.58
CA HIS A 89 -5.39 10.29 21.15
C HIS A 89 -4.83 9.00 20.56
N SER A 90 -3.58 8.67 20.88
CA SER A 90 -2.97 7.39 20.48
C SER A 90 -3.83 6.20 20.88
N LEU A 91 -4.45 6.27 22.05
CA LEU A 91 -5.28 5.18 22.57
C LEU A 91 -6.74 5.27 22.19
N CYS A 92 -7.12 6.26 21.37
CA CYS A 92 -8.51 6.44 20.96
C CYS A 92 -9.46 6.62 22.15
N PRO A 94 -11.35 9.24 25.16
CA PRO A 94 -11.83 10.60 25.33
C PRO A 94 -10.76 11.44 25.91
N THR A 95 -10.72 12.69 25.46
CA THR A 95 -9.67 13.64 25.82
C THR A 95 -10.24 14.84 26.61
N PRO A 96 -10.17 14.75 27.96
CA PRO A 96 -10.21 15.96 28.76
C PRO A 96 -8.91 16.72 28.52
N ASP A 97 -8.76 17.91 29.10
CA ASP A 97 -7.69 18.85 28.72
C ASP A 97 -7.77 19.26 27.25
N ALA A 98 -8.94 19.08 26.63
CA ALA A 98 -9.15 19.38 25.22
C ALA A 98 -10.64 19.33 24.95
N PRO A 99 -11.11 20.11 23.97
CA PRO A 99 -12.54 20.18 23.66
C PRO A 99 -13.14 18.90 23.13
N SER A 101 -17.29 17.03 21.85
CA SER A 101 -18.63 17.28 21.37
C SER A 101 -19.57 16.17 21.86
N ASN A 102 -20.85 16.37 21.63
CA ASN A 102 -21.84 15.35 21.92
C ASN A 102 -22.72 15.11 20.72
N HIS A 103 -22.31 15.55 19.55
CA HIS A 103 -23.20 15.52 18.43
C HIS A 103 -23.38 14.07 18.00
N GLN A 104 -24.63 13.61 17.98
CA GLN A 104 -24.99 12.28 17.53
C GLN A 104 -24.10 11.18 18.16
N ALA A 105 -23.70 11.40 19.40
CA ALA A 105 -22.83 10.48 20.14
C ALA A 105 -23.44 9.09 20.28
N SER A 106 -24.76 9.00 20.33
CA SER A 106 -25.44 7.73 20.37
C SER A 106 -25.28 6.92 19.07
N THR A 107 -25.44 7.58 17.93
CA THR A 107 -25.25 6.94 16.62
C THR A 107 -23.78 6.61 16.34
N ARG A 109 -21.52 5.69 18.78
CA ARG A 109 -21.25 4.49 19.56
C ARG A 109 -21.88 3.28 18.89
N GLU A 110 -23.08 3.43 18.33
CA GLU A 110 -23.70 2.31 17.61
C GLU A 110 -22.87 1.94 16.38
N LEU A 111 -22.27 2.97 15.74
CA LEU A 111 -21.33 2.76 14.63
C LEU A 111 -20.09 2.02 15.06
N ILE A 112 -19.52 2.40 16.20
CA ILE A 112 -18.36 1.73 16.75
C ILE A 112 -18.72 0.27 16.93
N CYS A 113 -19.86 0.05 17.57
CA CYS A 113 -20.33 -1.30 17.81
C CYS A 113 -20.53 -2.09 16.53
N SER A 114 -21.21 -1.49 15.57
CA SER A 114 -21.46 -2.17 14.30
C SER A 114 -20.18 -2.56 13.55
N TYR A 115 -19.26 -1.61 13.42
CA TYR A 115 -18.05 -1.80 12.65
C TYR A 115 -17.16 -2.82 13.33
N PHE A 116 -16.89 -2.62 14.61
CA PHE A 116 -15.99 -3.48 15.35
C PHE A 116 -16.62 -4.70 16.02
N LYS A 117 -17.94 -4.92 15.85
CA LYS A 117 -18.66 -6.08 16.39
C LYS A 117 -18.31 -6.34 17.85
N VAL A 118 -18.59 -5.31 18.63
CA VAL A 118 -18.19 -5.25 20.00
C VAL A 118 -19.44 -4.89 20.80
N ASP A 119 -19.43 -5.25 22.09
CA ASP A 119 -20.61 -5.05 22.95
C ASP A 119 -20.81 -3.56 23.30
N HIS A 120 -22.02 -3.25 23.73
CA HIS A 120 -22.40 -1.89 24.09
C HIS A 120 -21.46 -1.32 25.17
N ALA A 121 -21.21 -2.09 26.23
CA ALA A 121 -20.46 -1.63 27.43
C ALA A 121 -19.00 -1.21 27.23
N ASP A 122 -18.27 -1.89 26.34
CA ASP A 122 -16.89 -1.45 26.03
C ASP A 122 -16.92 -0.28 25.03
N GLY A 123 -17.92 -0.26 24.16
CA GLY A 123 -18.23 0.93 23.36
C GLY A 123 -18.56 2.17 24.18
N LEU A 124 -19.10 1.94 25.38
CA LEU A 124 -19.29 3.01 26.38
C LEU A 124 -17.97 3.61 26.86
N LYS A 125 -16.89 2.84 26.81
CA LYS A 125 -15.58 3.36 27.17
C LYS A 125 -15.10 4.39 26.14
N TYR A 126 -15.23 4.09 24.84
CA TYR A 126 -14.88 5.03 23.76
C TYR A 126 -15.73 6.32 23.82
N ILE A 127 -17.06 6.15 23.84
CA ILE A 127 -17.98 7.27 24.03
C ILE A 127 -18.75 7.03 25.34
N PRO A 128 -18.34 7.71 26.43
CA PRO A 128 -19.00 7.44 27.71
C PRO A 128 -20.49 7.79 27.76
N ASP A 130 -21.47 10.12 29.69
CA ASP A 130 -21.39 11.60 29.57
C ASP A 130 -21.88 12.11 28.22
N GLU A 131 -21.60 11.32 27.19
CA GLU A 131 -21.96 11.56 25.79
C GLU A 131 -20.94 12.45 25.05
N ARG A 132 -19.88 12.84 25.75
CA ARG A 132 -18.86 13.69 25.18
C ARG A 132 -17.76 12.78 24.62
N TYR A 133 -17.30 13.06 23.39
CA TYR A 133 -16.23 12.28 22.71
C TYR A 133 -15.28 13.20 21.94
N SER A 134 -14.01 12.83 21.83
CA SER A 134 -13.05 13.54 20.94
C SER A 134 -13.20 13.08 19.52
N PRO A 135 -13.63 13.97 18.61
CA PRO A 135 -13.94 13.48 17.29
C PRO A 135 -12.75 12.84 16.56
N SER A 136 -11.55 13.38 16.74
CA SER A 136 -10.36 12.91 16.04
C SER A 136 -9.85 11.60 16.59
N SER A 137 -10.01 11.35 17.88
CA SER A 137 -9.71 10.05 18.46
C SER A 137 -10.65 9.01 17.88
N LEU A 138 -11.87 9.39 17.66
CA LEU A 138 -12.82 8.51 17.06
C LEU A 138 -12.52 8.24 15.59
N ALA A 139 -12.02 9.25 14.87
CA ALA A 139 -11.60 9.12 13.47
C ALA A 139 -10.42 8.22 13.36
N ARG A 140 -9.47 8.35 14.28
CA ARG A 140 -8.32 7.43 14.37
C ARG A 140 -8.78 5.98 14.59
N LEU A 141 -9.68 5.77 15.53
CA LEU A 141 -10.17 4.44 15.80
C LEU A 141 -10.67 3.78 14.52
N PHE A 142 -11.56 4.49 13.84
CA PHE A 142 -12.19 4.02 12.60
C PHE A 142 -11.19 3.92 11.45
N THR A 143 -10.27 4.88 11.38
CA THR A 143 -9.30 4.90 10.30
C THR A 143 -8.40 3.68 10.46
N GLY A 145 -9.11 0.98 11.89
CA GLY A 145 -9.97 -0.17 11.68
C GLY A 145 -10.13 -0.57 10.25
N ALA A 147 -7.77 -0.07 8.10
CA ALA A 147 -6.45 -0.59 7.85
C ALA A 147 -6.24 -1.99 8.40
N GLY A 148 -7.18 -2.48 9.20
CA GLY A 148 -7.12 -3.82 9.73
C GLY A 148 -6.67 -3.92 11.18
N LEU A 149 -6.70 -2.82 11.91
CA LEU A 149 -6.28 -2.83 13.28
C LEU A 149 -7.32 -2.13 14.14
N HIS A 150 -7.72 -2.80 15.22
CA HIS A 150 -8.61 -2.24 16.21
C HIS A 150 -7.83 -1.88 17.47
N ILE A 151 -7.89 -0.62 17.89
CA ILE A 151 -7.35 -0.20 19.17
C ILE A 151 -8.41 -0.58 20.18
N THR A 152 -8.13 -1.56 21.02
CA THR A 152 -9.15 -2.13 21.89
C THR A 152 -9.22 -1.31 23.17
N THR A 153 -10.19 -1.64 24.03
CA THR A 153 -10.38 -0.94 25.29
C THR A 153 -9.26 -1.19 26.29
N GLU A 154 -8.79 -2.42 26.43
CA GLU A 154 -7.46 -2.63 27.01
C GLU A 154 -6.46 -2.19 25.97
N PRO A 155 -5.36 -1.55 26.38
CA PRO A 155 -4.40 -1.19 25.31
C PRO A 155 -3.95 -2.42 24.51
N SER A 156 -4.36 -2.51 23.24
CA SER A 156 -4.11 -3.69 22.40
C SER A 156 -4.50 -3.47 20.93
N TYR A 157 -3.69 -4.00 20.01
CA TYR A 157 -3.95 -4.03 18.56
C TYR A 157 -4.61 -5.35 18.22
N LYS A 158 -5.88 -5.32 17.84
CA LYS A 158 -6.59 -6.51 17.39
C LYS A 158 -6.79 -6.47 15.86
N ARG A 159 -6.46 -7.57 15.18
CA ARG A 159 -6.61 -7.66 13.73
C ARG A 159 -8.07 -7.76 13.33
N VAL A 160 -8.55 -6.79 12.56
CA VAL A 160 -9.91 -6.81 12.00
C VAL A 160 -9.78 -6.81 10.48
N PRO A 161 -10.88 -7.05 9.77
CA PRO A 161 -10.74 -7.09 8.30
C PRO A 161 -10.27 -5.78 7.68
N ILE A 162 -9.36 -5.86 6.73
CA ILE A 162 -8.87 -4.71 5.97
C ILE A 162 -9.86 -4.42 4.87
N HIS A 164 -11.34 -3.08 1.32
CA HIS A 164 -10.89 -3.02 -0.06
C HIS A 164 -10.76 -1.62 -0.63
N LEU A 165 -11.48 -0.67 -0.06
CA LEU A 165 -11.36 0.72 -0.46
C LEU A 165 -10.01 1.31 -0.02
N ALA A 166 -9.57 0.95 1.19
CA ALA A 166 -8.28 1.40 1.69
C ALA A 166 -7.15 0.94 0.77
N ALA A 167 -7.22 -0.30 0.31
CA ALA A 167 -6.30 -0.82 -0.68
C ALA A 167 -6.44 -0.15 -2.05
N ASP A 168 -7.68 0.09 -2.49
CA ASP A 168 -7.96 0.79 -3.77
C ASP A 168 -7.36 2.19 -3.83
N LEU A 169 -7.43 2.92 -2.71
CA LEU A 169 -6.98 4.33 -2.66
C LEU A 169 -5.50 4.54 -2.37
N ASP A 170 -4.77 3.49 -2.01
CA ASP A 170 -3.41 3.65 -1.50
C ASP A 170 -2.38 4.07 -2.57
N CYS A 171 -2.70 3.97 -3.84
CA CYS A 171 -1.86 4.51 -4.91
C CYS A 171 -1.94 6.06 -5.07
N THR A 173 -1.98 10.05 -4.23
CA THR A 173 -1.16 10.94 -3.43
C THR A 173 -1.80 12.29 -3.11
N LEU A 174 -2.96 12.58 -3.69
CA LEU A 174 -3.69 13.84 -3.45
C LEU A 174 -5.17 13.57 -3.31
N ALA A 175 -5.89 14.43 -2.60
CA ALA A 175 -7.33 14.26 -2.41
C ALA A 175 -7.97 15.59 -2.24
N LEU A 176 -9.11 15.80 -2.92
CA LEU A 176 -9.89 17.01 -2.79
C LEU A 176 -11.31 16.66 -2.44
N PRO A 177 -11.73 16.91 -1.19
CA PRO A 177 -13.13 16.76 -0.83
C PRO A 177 -13.97 17.93 -1.25
N TYR A 178 -15.21 17.67 -1.61
CA TYR A 178 -16.15 18.68 -2.04
C TYR A 178 -17.56 18.13 -1.96
N ILE A 180 -21.54 17.90 -3.62
CA ILE A 180 -22.13 17.74 -4.93
C ILE A 180 -23.63 17.79 -4.83
N THR A 181 -24.26 18.06 -5.97
CA THR A 181 -25.68 17.83 -6.13
C THR A 181 -25.92 17.06 -7.42
N LEU A 182 -27.02 16.31 -7.43
CA LEU A 182 -27.38 15.51 -8.57
C LEU A 182 -28.49 16.21 -9.34
N ASP A 183 -28.12 16.77 -10.49
CA ASP A 183 -29.06 17.36 -11.42
C ASP A 183 -29.15 16.49 -12.70
N GLY A 184 -30.14 15.58 -12.70
CA GLY A 184 -30.36 14.67 -13.83
C GLY A 184 -29.37 13.54 -13.90
N ASP A 185 -28.54 13.53 -14.95
CA ASP A 185 -27.44 12.58 -15.11
C ASP A 185 -26.07 13.28 -15.07
N THR A 186 -26.04 14.46 -14.45
CA THR A 186 -24.82 15.22 -14.30
C THR A 186 -24.63 15.57 -12.82
N VAL A 187 -23.40 15.38 -12.36
CA VAL A 187 -23.00 15.74 -11.01
C VAL A 187 -22.26 17.07 -11.12
N VAL A 188 -22.54 17.97 -10.20
CA VAL A 188 -21.91 19.27 -10.19
C VAL A 188 -21.49 19.63 -8.78
N PRO A 189 -20.33 20.29 -8.63
CA PRO A 189 -19.94 20.78 -7.33
C PRO A 189 -20.80 21.93 -6.84
N VAL A 190 -21.14 21.92 -5.55
CA VAL A 190 -21.89 23.01 -4.91
C VAL A 190 -21.11 23.55 -3.72
N ALA A 191 -21.56 24.69 -3.23
CA ALA A 191 -20.97 25.28 -2.05
C ALA A 191 -21.50 24.57 -0.81
N PRO A 192 -20.68 24.48 0.25
CA PRO A 192 -21.13 23.90 1.48
C PRO A 192 -22.19 24.78 2.13
N THR A 193 -23.39 24.26 2.26
CA THR A 193 -24.50 24.98 2.91
C THR A 193 -24.65 24.51 4.35
N LEU A 194 -24.52 23.20 4.59
CA LEU A 194 -24.67 22.63 5.91
C LEU A 194 -23.41 22.78 6.75
N SER A 195 -23.51 22.39 8.02
CA SER A 195 -22.35 22.28 8.92
C SER A 195 -21.83 20.87 8.85
N ALA A 196 -20.54 20.72 9.14
CA ALA A 196 -19.96 19.41 9.20
C ALA A 196 -20.80 18.54 10.11
N GLU A 197 -21.01 18.99 11.36
CA GLU A 197 -21.77 18.24 12.37
C GLU A 197 -23.10 17.77 11.82
N GLN A 198 -23.75 18.62 11.03
CA GLN A 198 -25.06 18.32 10.47
C GLN A 198 -25.05 17.22 9.40
N LEU A 199 -23.88 16.85 8.90
CA LEU A 199 -23.75 15.67 8.04
C LEU A 199 -23.84 14.34 8.80
N LEU A 200 -23.58 14.36 10.11
CA LEU A 200 -23.79 13.21 10.97
C LEU A 200 -25.27 12.92 11.22
N ASP A 201 -26.15 13.82 10.82
CA ASP A 201 -27.59 13.65 10.95
C ASP A 201 -28.16 12.82 9.81
N ASP A 202 -29.48 12.63 9.85
CA ASP A 202 -30.23 11.87 8.85
C ASP A 202 -29.63 10.49 8.63
N GLY A 203 -29.18 9.88 9.72
CA GLY A 203 -28.54 8.55 9.67
C GLY A 203 -27.30 8.48 8.80
N LEU A 204 -26.53 9.56 8.77
CA LEU A 204 -25.33 9.68 7.91
C LEU A 204 -25.60 9.60 6.40
N LYS A 205 -26.86 9.61 5.98
CA LYS A 205 -27.18 9.48 4.57
C LYS A 205 -26.79 10.74 3.80
N GLY A 206 -26.71 11.87 4.50
CA GLY A 206 -26.23 13.13 3.94
C GLY A 206 -24.83 13.10 3.38
N LEU A 207 -24.04 12.15 3.86
CA LEU A 207 -22.71 11.92 3.35
C LEU A 207 -22.69 11.46 1.87
N ALA A 208 -23.80 11.03 1.32
CA ALA A 208 -23.78 10.60 -0.07
C ALA A 208 -23.60 11.76 -1.04
N CYS A 209 -24.02 12.96 -0.63
CA CYS A 209 -23.81 14.19 -1.41
C CYS A 209 -22.40 14.81 -1.20
N ASP A 211 -18.36 14.13 -2.16
CA ASP A 211 -17.41 13.31 -2.91
C ASP A 211 -15.98 13.69 -2.52
N ILE A 212 -15.04 12.81 -2.79
CA ILE A 212 -13.63 13.10 -2.60
C ILE A 212 -12.94 12.65 -3.88
N SER A 213 -12.34 13.59 -4.60
CA SER A 213 -11.59 13.28 -5.79
C SER A 213 -10.14 12.94 -5.43
N TYR A 214 -9.78 11.68 -5.53
CA TYR A 214 -8.39 11.25 -5.32
C TYR A 214 -7.60 11.28 -6.63
N GLY A 215 -6.31 11.55 -6.55
CA GLY A 215 -5.46 11.61 -7.73
C GLY A 215 -3.99 11.34 -7.45
N CYS A 216 -3.16 11.68 -8.44
CA CYS A 216 -1.71 11.56 -8.33
C CYS A 216 -1.04 12.86 -8.76
N GLU A 217 0.30 12.83 -8.96
CA GLU A 217 1.10 13.96 -9.44
C GLU A 217 1.21 15.05 -8.38
N ASP A 231 -3.88 14.28 -11.69
CA ASP A 231 -3.94 13.65 -13.00
C ASP A 231 -4.80 12.37 -13.00
N SER A 232 -4.34 11.27 -12.39
CA SER A 232 -5.06 9.97 -12.49
C SER A 232 -6.25 9.93 -11.55
N SER A 233 -7.23 10.76 -11.86
CA SER A 233 -8.28 11.10 -10.93
C SER A 233 -9.30 9.96 -10.80
N ARG A 234 -9.75 9.76 -9.57
CA ARG A 234 -10.92 8.96 -9.30
C ARG A 234 -11.75 9.62 -8.22
N CYS A 235 -13.07 9.61 -8.38
CA CYS A 235 -13.97 10.01 -7.32
C CYS A 235 -14.40 8.80 -6.53
N ILE A 236 -14.40 8.92 -5.20
CA ILE A 236 -14.75 7.83 -4.32
C ILE A 236 -16.16 7.29 -4.59
N ASN A 237 -17.08 8.17 -4.97
CA ASN A 237 -18.43 7.77 -5.28
C ASN A 237 -18.52 6.93 -6.54
N GLU A 238 -17.56 7.07 -7.47
CA GLU A 238 -17.42 6.12 -8.59
C GLU A 238 -17.18 4.71 -8.14
N LEU A 239 -16.47 4.55 -7.00
CA LEU A 239 -16.12 3.24 -6.43
C LEU A 239 -17.13 2.63 -5.48
N TYR A 240 -18.36 3.15 -5.50
CA TYR A 240 -19.40 2.69 -4.62
C TYR A 240 -20.04 1.41 -5.14
N CYS A 241 -20.15 0.44 -4.23
CA CYS A 241 -20.95 -0.75 -4.39
C CYS A 241 -21.33 -1.14 -2.96
N GLU A 242 -22.08 -2.22 -2.77
CA GLU A 242 -22.55 -2.54 -1.44
C GLU A 242 -21.43 -3.08 -0.54
N GLU A 243 -20.38 -3.63 -1.15
CA GLU A 243 -19.20 -4.05 -0.41
C GLU A 243 -18.33 -2.92 0.06
N THR A 244 -18.19 -1.90 -0.79
CA THR A 244 -17.46 -0.67 -0.44
C THR A 244 -18.23 0.38 0.35
N ALA A 245 -19.53 0.20 0.50
CA ALA A 245 -20.41 1.23 1.08
C ALA A 245 -20.05 1.59 2.52
N GLU A 246 -19.87 0.57 3.34
CA GLU A 246 -19.46 0.79 4.72
C GLU A 246 -18.17 1.61 4.80
N ALA A 247 -17.17 1.26 4.00
CA ALA A 247 -15.87 1.94 4.09
C ALA A 247 -16.00 3.39 3.68
N ILE A 248 -16.78 3.63 2.63
CA ILE A 248 -17.01 4.97 2.10
C ILE A 248 -17.71 5.85 3.13
N CYS A 249 -18.65 5.28 3.85
CA CYS A 249 -19.34 5.99 4.92
C CYS A 249 -18.41 6.34 6.06
N VAL A 250 -17.54 5.40 6.46
CA VAL A 250 -16.57 5.62 7.54
C VAL A 250 -15.51 6.67 7.12
N LEU A 251 -14.98 6.54 5.90
CA LEU A 251 -13.97 7.48 5.44
C LEU A 251 -14.50 8.88 5.43
N LYS A 252 -15.71 9.06 4.89
CA LYS A 252 -16.40 10.36 4.96
C LYS A 252 -16.66 10.80 6.41
N THR A 253 -17.07 9.89 7.28
CA THR A 253 -17.33 10.24 8.66
C THR A 253 -16.07 10.68 9.36
N CYS A 254 -14.95 10.03 9.07
CA CYS A 254 -13.67 10.39 9.68
C CYS A 254 -13.19 11.77 9.26
N LEU A 255 -13.45 12.16 8.01
CA LEU A 255 -13.15 13.50 7.56
C LEU A 255 -14.00 14.52 8.30
N VAL A 256 -15.30 14.25 8.42
CA VAL A 256 -16.24 15.12 9.15
C VAL A 256 -15.81 15.22 10.59
N LEU A 257 -15.38 14.10 11.16
CA LEU A 257 -14.89 14.13 12.54
C LEU A 257 -13.65 14.98 12.76
N ASN A 258 -12.71 14.93 11.82
CA ASN A 258 -11.53 15.77 11.92
C ASN A 258 -11.90 17.22 11.72
N CYS A 259 -12.87 17.49 10.84
CA CYS A 259 -13.37 18.86 10.65
C CYS A 259 -13.95 19.39 11.95
N GLN A 261 -13.45 18.37 14.99
CA GLN A 261 -12.43 18.60 15.99
C GLN A 261 -11.71 19.91 15.70
N PHE A 262 -11.44 20.20 14.43
CA PHE A 262 -10.80 21.47 14.07
C PHE A 262 -11.63 22.64 14.56
N LYS A 263 -12.91 22.62 14.22
CA LYS A 263 -13.85 23.62 14.66
C LYS A 263 -13.95 23.75 16.17
N LEU A 264 -13.98 22.64 16.88
CA LEU A 264 -14.04 22.65 18.34
C LEU A 264 -12.87 23.33 18.99
N GLU A 265 -11.70 23.09 18.44
CA GLU A 265 -10.49 23.71 18.92
C GLU A 265 -10.34 25.20 18.54
N ASP A 267 -12.92 27.41 18.05
CA ASP A 267 -13.84 28.06 18.96
C ASP A 267 -13.18 28.24 20.33
N ASP A 268 -12.56 27.17 20.84
CA ASP A 268 -11.81 27.22 22.11
C ASP A 268 -10.64 28.21 22.07
N LEU A 269 -9.91 28.24 20.97
CA LEU A 269 -8.84 29.23 20.78
C LEU A 269 -9.35 30.67 20.74
N ALA A 270 -10.62 30.86 20.41
CA ALA A 270 -11.24 32.18 20.50
C ALA A 270 -11.29 32.69 21.95
N HIS A 271 -11.84 31.90 22.87
CA HIS A 271 -11.90 32.27 24.30
C HIS A 271 -10.60 32.04 25.09
N ASN A 272 -9.72 31.16 24.60
CA ASN A 272 -8.42 30.94 25.21
C ASN A 272 -7.50 32.08 24.81
N ALA A 273 -7.60 33.17 25.55
CA ALA A 273 -6.65 34.28 25.43
C ALA A 273 -5.27 33.93 25.97
N ALA A 274 -5.18 32.89 26.80
CA ALA A 274 -3.90 32.47 27.37
C ALA A 274 -2.89 31.98 26.31
N GLU A 275 -3.39 31.32 25.26
CA GLU A 275 -2.55 30.93 24.10
C GLU A 275 -2.51 32.03 23.03
N LEU A 276 -3.66 32.65 22.75
CA LEU A 276 -3.79 33.64 21.65
C LEU A 276 -2.93 34.90 21.80
N ASP A 277 -2.69 35.33 23.04
CA ASP A 277 -1.77 36.47 23.33
C ASP A 277 -0.33 36.19 22.90
N LYS A 278 0.05 34.93 22.99
CA LYS A 278 1.37 34.44 22.61
C LYS A 278 1.52 34.36 21.09
N ILE A 279 0.43 34.18 20.37
CA ILE A 279 0.55 34.13 18.94
C ILE A 279 -0.32 35.20 18.33
N GLN A 280 -0.50 36.30 19.02
CA GLN A 280 -1.34 37.37 18.51
C GLN A 280 -0.66 38.11 17.37
N ILE A 283 1.52 36.84 11.50
CA ILE A 283 0.98 36.62 10.15
C ILE A 283 1.30 35.22 9.58
N PRO A 284 2.49 34.64 9.86
CA PRO A 284 2.65 33.27 9.39
C PRO A 284 1.67 32.25 10.02
N PHE A 285 1.26 32.46 11.27
CA PHE A 285 0.23 31.63 11.92
C PHE A 285 -1.18 31.85 11.38
N SER A 286 -1.46 33.03 10.83
CA SER A 286 -2.67 33.23 10.04
C SER A 286 -2.65 32.46 8.73
N GLU A 287 -1.51 32.44 8.04
CA GLU A 287 -1.37 31.69 6.81
C GLU A 287 -1.67 30.23 7.09
N ARG A 288 -1.12 29.71 8.20
CA ARG A 288 -1.32 28.31 8.57
C ARG A 288 -2.75 28.01 8.95
N VAL A 289 -3.41 28.94 9.61
CA VAL A 289 -4.80 28.77 9.97
C VAL A 289 -5.68 28.77 8.71
N PHE A 290 -5.36 29.62 7.74
CA PHE A 290 -6.04 29.62 6.45
C PHE A 290 -5.82 28.30 5.73
N ARG A 291 -4.58 27.83 5.66
CA ARG A 291 -4.26 26.53 5.04
C ARG A 291 -5.07 25.41 5.68
N ALA A 293 -8.04 25.65 7.56
CA ALA A 293 -9.45 25.81 7.32
C ALA A 293 -9.85 25.60 5.85
N SER A 294 -8.94 25.90 4.94
CA SER A 294 -9.15 25.61 3.53
C SER A 294 -9.40 24.13 3.24
N SER A 295 -8.82 23.25 4.03
CA SER A 295 -9.10 21.83 3.94
C SER A 295 -10.59 21.47 4.09
N PHE A 296 -11.27 22.12 5.04
CA PHE A 296 -12.71 21.89 5.24
C PHE A 296 -13.63 22.94 4.61
N ALA A 297 -13.06 23.90 3.88
CA ALA A 297 -13.79 24.98 3.25
C ALA A 297 -14.72 24.55 2.15
N THR A 298 -14.56 23.32 1.70
CA THR A 298 -15.41 22.76 0.65
C THR A 298 -16.57 21.96 1.19
N ILE A 299 -16.53 21.56 2.46
CA ILE A 299 -17.55 20.75 3.10
C ILE A 299 -18.20 21.32 4.36
N ASP A 300 -17.61 22.36 4.94
CA ASP A 300 -18.21 23.06 6.04
C ASP A 300 -18.48 24.53 5.70
N ALA A 301 -19.67 25.02 6.06
CA ALA A 301 -20.09 26.39 5.71
C ALA A 301 -19.33 27.48 6.45
N GLN A 302 -19.08 27.29 7.74
CA GLN A 302 -18.30 28.23 8.55
C GLN A 302 -16.89 28.34 8.01
N CYS A 303 -16.27 27.19 7.78
CA CYS A 303 -14.91 27.16 7.26
C CYS A 303 -14.84 27.80 5.89
N PHE A 304 -15.90 27.62 5.10
CA PHE A 304 -16.02 28.26 3.78
C PHE A 304 -16.02 29.75 3.93
N ARG A 305 -16.98 30.25 4.69
CA ARG A 305 -17.09 31.69 4.88
C ARG A 305 -15.85 32.32 5.51
N PHE A 306 -15.34 31.69 6.56
CA PHE A 306 -14.12 32.13 7.18
C PHE A 306 -12.99 32.29 6.16
N CYS A 307 -12.87 31.32 5.27
CA CYS A 307 -11.79 31.30 4.31
C CYS A 307 -12.02 32.31 3.22
N VAL A 308 -13.27 32.58 2.91
CA VAL A 308 -13.59 33.58 1.90
C VAL A 308 -13.15 34.95 2.44
N LYS A 311 -9.30 35.67 2.60
CA LYS A 311 -8.75 35.90 1.25
C LYS A 311 -9.09 37.32 0.81
N ASP A 312 -10.26 37.82 1.19
CA ASP A 312 -10.64 39.22 0.92
C ASP A 312 -9.71 40.25 1.58
N LYS A 313 -9.20 39.92 2.78
CA LYS A 313 -8.27 40.79 3.53
C LYS A 313 -6.81 40.44 3.20
N ASN A 314 -6.62 39.62 2.16
CA ASN A 314 -5.33 39.32 1.57
C ASN A 314 -4.38 38.60 2.51
N LEU A 315 -4.92 37.90 3.51
CA LEU A 315 -4.14 37.04 4.41
C LEU A 315 -3.08 37.72 5.29
N LYS A 316 -3.03 39.05 5.27
CA LYS A 316 -2.08 39.80 6.08
C LYS A 316 -2.86 40.36 7.26
N ILE A 317 -3.07 39.50 8.24
CA ILE A 317 -3.97 39.77 9.33
C ILE A 317 -3.32 39.17 10.57
N ASP A 318 -3.50 39.81 11.71
CA ASP A 318 -3.05 39.26 12.98
C ASP A 318 -4.03 38.18 13.49
N ARG A 320 -5.48 37.88 16.37
CA ARG A 320 -6.61 38.42 17.15
C ARG A 320 -7.80 38.65 16.23
N GLU A 321 -7.55 39.41 15.16
CA GLU A 321 -8.55 39.70 14.13
C GLU A 321 -8.99 38.46 13.36
N THR A 322 -8.01 37.60 13.09
CA THR A 322 -8.23 36.28 12.51
C THR A 322 -9.30 35.55 13.27
N THR A 323 -9.07 35.26 14.55
CA THR A 323 -10.01 34.40 15.30
C THR A 323 -11.31 35.18 15.71
N ARG A 324 -11.34 36.51 15.49
CA ARG A 324 -12.59 37.28 15.55
C ARG A 324 -13.45 37.05 14.31
N LEU A 325 -12.80 37.05 13.13
CA LEU A 325 -13.41 36.62 11.86
C LEU A 325 -13.93 35.19 11.92
N TRP A 326 -13.21 34.33 12.65
CA TRP A 326 -13.67 32.97 12.91
C TRP A 326 -14.95 32.99 13.69
N THR A 327 -14.99 33.77 14.77
CA THR A 327 -16.21 33.88 15.58
C THR A 327 -17.38 34.47 14.79
N ARG A 328 -17.08 35.38 13.87
CA ARG A 328 -18.13 35.97 13.01
C ARG A 328 -18.59 35.01 11.96
N SER A 329 -17.66 34.20 11.43
CA SER A 329 -17.94 33.26 10.33
C SER A 329 -19.02 32.23 10.64
N ALA A 330 -19.31 32.06 11.94
CA ALA A 330 -20.37 31.17 12.39
C ALA A 330 -21.77 31.60 11.99
N SER A 331 -21.92 32.85 11.53
CA SER A 331 -23.22 33.41 11.20
C SER A 331 -23.39 33.47 9.69
N ASP A 332 -24.56 33.03 9.23
CA ASP A 332 -24.84 32.87 7.79
C ASP A 332 -24.67 34.18 7.01
N ASP A 333 -25.15 35.26 7.60
CA ASP A 333 -25.16 36.58 6.97
C ASP A 333 -23.82 37.33 7.02
N SER A 334 -22.81 36.75 7.63
CA SER A 334 -21.52 37.42 7.79
C SER A 334 -20.79 37.76 6.46
N VAL A 335 -20.88 36.88 5.47
CA VAL A 335 -20.43 37.17 4.09
C VAL A 335 -21.51 36.78 3.12
N ALA A 336 -21.56 37.47 1.99
CA ALA A 336 -22.59 37.23 0.99
C ALA A 336 -22.13 36.15 0.00
N THR A 337 -22.43 34.89 0.33
CA THR A 337 -21.98 33.72 -0.44
C THR A 337 -22.89 33.31 -1.62
N SER A 338 -24.09 33.87 -1.69
CA SER A 338 -25.10 33.46 -2.67
C SER A 338 -24.74 33.82 -4.12
N SER A 339 -23.89 34.82 -4.31
CA SER A 339 -23.46 35.21 -5.65
C SER A 339 -22.25 34.39 -6.19
N LEU A 340 -21.69 33.49 -5.37
CA LEU A 340 -20.49 32.73 -5.76
C LEU A 340 -20.81 31.48 -6.52
N SER A 341 -20.15 31.31 -7.67
CA SER A 341 -20.25 30.09 -8.49
C SER A 341 -19.06 29.18 -8.24
N ILE A 342 -19.36 27.91 -8.02
CA ILE A 342 -18.38 26.90 -7.66
C ILE A 342 -18.05 26.04 -8.89
N SER A 343 -16.75 25.86 -9.13
CA SER A 343 -16.22 25.04 -10.22
C SER A 343 -15.04 24.18 -9.74
N LEU A 344 -14.89 23.02 -10.36
CA LEU A 344 -13.89 22.04 -9.94
C LEU A 344 -13.08 21.70 -11.16
N ASP A 345 -11.96 22.37 -11.35
CA ASP A 345 -11.10 22.13 -12.53
C ASP A 345 -9.62 22.13 -12.21
N ARG A 346 -8.85 21.32 -12.95
CA ARG A 346 -7.42 21.07 -12.70
C ARG A 346 -7.14 20.45 -11.31
N GLY A 347 -8.10 19.70 -10.79
CA GLY A 347 -8.05 19.17 -9.44
C GLY A 347 -8.05 20.22 -8.34
N ARG A 348 -8.96 21.18 -8.45
CA ARG A 348 -8.80 22.51 -7.84
C ARG A 348 -10.19 23.16 -7.68
N TRP A 349 -10.56 23.49 -6.45
CA TRP A 349 -11.93 23.94 -6.13
C TRP A 349 -11.97 25.46 -6.10
N VAL A 350 -12.77 26.07 -6.96
CA VAL A 350 -12.75 27.51 -7.17
C VAL A 350 -14.10 28.06 -6.81
N ALA A 351 -14.13 29.01 -5.89
CA ALA A 351 -15.33 29.80 -5.60
C ALA A 351 -15.11 31.22 -6.15
N ALA A 352 -15.93 31.63 -7.13
CA ALA A 352 -15.75 32.92 -7.79
C ALA A 352 -17.04 33.71 -7.94
N ASP A 353 -16.89 35.03 -7.88
CA ASP A 353 -17.96 36.00 -8.15
C ASP A 353 -17.66 36.63 -9.51
N ALA A 354 -18.38 36.19 -10.54
CA ALA A 354 -18.10 36.56 -11.92
C ALA A 354 -16.64 36.19 -12.26
N SER A 355 -15.78 37.16 -12.57
CA SER A 355 -14.36 36.90 -12.86
C SER A 355 -13.43 37.06 -11.66
N ASP A 356 -13.96 37.31 -10.46
CA ASP A 356 -13.10 37.43 -9.28
C ASP A 356 -13.11 36.10 -8.54
N ALA A 357 -11.93 35.48 -8.41
CA ALA A 357 -11.78 34.24 -7.67
C ALA A 357 -11.67 34.54 -6.18
N ARG A 358 -12.78 34.30 -5.47
CA ARG A 358 -12.90 34.60 -4.05
C ARG A 358 -12.24 33.57 -3.14
N LEU A 359 -12.14 32.33 -3.60
CA LEU A 359 -11.39 31.31 -2.86
C LEU A 359 -10.91 30.21 -3.75
N LEU A 360 -9.63 29.85 -3.62
CA LEU A 360 -9.08 28.64 -4.23
C LEU A 360 -8.72 27.62 -3.17
N VAL A 361 -9.26 26.40 -3.29
CA VAL A 361 -8.93 25.29 -2.41
C VAL A 361 -8.17 24.28 -3.23
N PHE A 362 -7.05 23.83 -2.69
CA PHE A 362 -6.13 22.92 -3.37
C PHE A 362 -6.24 21.52 -2.77
N PRO A 363 -5.82 20.50 -3.53
CA PRO A 363 -5.89 19.14 -3.02
C PRO A 363 -4.95 18.92 -1.86
N ILE A 364 -5.36 18.05 -0.95
CA ILE A 364 -4.65 17.75 0.29
C ILE A 364 -3.75 16.56 0.08
N ARG A 365 -2.57 16.59 0.66
CA ARG A 365 -1.61 15.50 0.52
C ARG A 365 -2.06 14.32 1.32
N VAL A 366 -1.96 13.15 0.71
CA VAL A 366 -2.41 11.90 1.31
C VAL A 366 -3.89 12.02 1.68
N ALA B 2 -2.53 -9.46 -57.47
CA ALA B 2 -2.74 -10.19 -56.21
C ALA B 2 -1.85 -11.44 -56.15
N SER B 3 -1.43 -11.76 -54.93
CA SER B 3 -0.51 -12.86 -54.63
C SER B 3 -0.87 -13.48 -53.29
N SER B 4 -0.49 -14.73 -53.11
CA SER B 4 -0.82 -15.50 -51.91
C SER B 4 0.16 -15.26 -50.76
N LEU B 5 1.46 -15.21 -51.07
CA LEU B 5 2.47 -14.97 -50.03
C LEU B 5 2.25 -13.64 -49.31
N ARG B 6 1.96 -12.59 -50.08
CA ARG B 6 1.64 -11.28 -49.48
C ARG B 6 0.45 -11.34 -48.52
N ALA B 7 -0.53 -12.17 -48.84
CA ALA B 7 -1.70 -12.37 -47.97
C ALA B 7 -1.32 -13.07 -46.67
N ALA B 8 -0.40 -14.04 -46.75
CA ALA B 8 0.10 -14.72 -45.54
C ALA B 8 0.77 -13.70 -44.63
N ILE B 9 1.64 -12.88 -45.23
CA ILE B 9 2.45 -11.91 -44.50
C ILE B 9 1.56 -10.82 -43.90
N SER B 10 0.46 -10.49 -44.58
CA SER B 10 -0.47 -9.48 -44.09
C SER B 10 -1.01 -9.81 -42.71
N LYS B 11 -1.25 -11.09 -42.44
CA LYS B 11 -1.88 -11.49 -41.20
C LYS B 11 -0.94 -11.44 -39.99
N ILE B 12 0.37 -11.44 -40.28
CA ILE B 12 1.41 -11.60 -39.26
C ILE B 12 1.48 -10.32 -38.44
N LYS B 13 1.66 -10.47 -37.13
CA LYS B 13 1.58 -9.36 -36.17
C LYS B 13 2.86 -8.55 -36.24
N ARG B 14 2.72 -7.25 -36.53
CA ARG B 14 3.86 -6.36 -36.77
C ARG B 14 3.93 -5.27 -35.68
N ASP B 15 3.84 -5.69 -34.42
CA ASP B 15 4.08 -4.79 -33.28
C ASP B 15 5.56 -4.46 -33.19
N ASP B 16 6.39 -5.51 -33.26
CA ASP B 16 7.85 -5.38 -33.32
C ASP B 16 8.40 -4.34 -32.35
N VAL B 17 8.08 -4.52 -31.07
CA VAL B 17 8.75 -3.76 -30.00
C VAL B 17 10.23 -4.12 -30.00
N GLY B 18 10.52 -5.37 -30.32
CA GLY B 18 11.89 -5.81 -30.58
C GLY B 18 11.90 -7.18 -31.21
N GLN B 19 13.03 -7.87 -31.08
CA GLN B 19 13.17 -9.26 -31.52
C GLN B 19 12.61 -10.23 -30.47
N GLN B 20 11.43 -10.77 -30.76
CA GLN B 20 10.66 -11.52 -29.77
C GLN B 20 11.25 -12.90 -29.54
N VAL B 21 11.89 -13.12 -28.40
CA VAL B 21 12.52 -14.40 -28.08
C VAL B 21 11.67 -15.14 -27.05
N CYS B 22 11.51 -16.45 -27.24
CA CYS B 22 10.67 -17.29 -26.38
C CYS B 22 9.28 -16.74 -26.05
N PRO B 23 8.50 -16.27 -27.05
CA PRO B 23 7.11 -15.93 -26.69
C PRO B 23 6.37 -17.21 -26.45
N ASN B 24 5.09 -17.13 -26.18
CA ASN B 24 4.33 -18.32 -25.74
C ASN B 24 4.83 -18.92 -24.41
N TYR B 25 5.74 -18.24 -23.72
CA TYR B 25 6.15 -18.58 -22.37
C TYR B 25 5.66 -17.46 -21.47
N VAL B 26 5.87 -17.64 -20.17
CA VAL B 26 5.43 -16.68 -19.18
C VAL B 26 6.59 -15.83 -18.69
N LEU B 28 10.17 -16.56 -19.36
CA LEU B 28 11.22 -16.41 -20.37
C LEU B 28 10.82 -15.56 -21.60
N ARG B 29 9.57 -15.07 -21.62
CA ARG B 29 9.11 -14.15 -22.65
C ARG B 29 10.02 -12.95 -22.67
N SER B 30 10.68 -12.75 -23.81
CA SER B 30 11.81 -11.85 -23.91
C SER B 30 11.76 -10.98 -25.17
N SER B 31 12.25 -9.74 -25.06
CA SER B 31 12.39 -8.81 -26.19
C SER B 31 13.84 -8.34 -26.29
N VAL B 32 14.44 -8.43 -27.48
CA VAL B 32 15.81 -7.97 -27.71
C VAL B 32 15.84 -6.75 -28.66
N THR B 33 16.05 -5.59 -28.07
CA THR B 33 16.29 -4.38 -28.81
C THR B 33 17.76 -4.37 -29.22
N THR B 34 18.05 -3.68 -30.32
CA THR B 34 19.42 -3.43 -30.73
C THR B 34 19.66 -1.93 -30.51
N LYS B 35 20.79 -1.64 -29.88
CA LYS B 35 21.19 -0.29 -29.61
C LYS B 35 22.62 -0.12 -30.08
N VAL B 36 22.85 0.89 -30.93
CA VAL B 36 24.18 1.14 -31.47
C VAL B 36 24.69 2.45 -30.88
N VAL B 37 25.90 2.39 -30.32
CA VAL B 37 26.63 3.57 -29.86
C VAL B 37 27.97 3.56 -30.56
N ARG B 38 28.30 4.66 -31.25
CA ARG B 38 29.46 4.68 -32.16
C ARG B 38 29.38 3.56 -33.20
N ASN B 39 30.27 2.57 -33.17
CA ASN B 39 30.18 1.42 -34.08
C ASN B 39 30.02 0.08 -33.34
N VAL B 40 29.63 0.14 -32.06
CA VAL B 40 29.47 -1.08 -31.26
C VAL B 40 27.97 -1.30 -30.94
N VAL B 41 27.50 -2.52 -31.23
CA VAL B 41 26.10 -2.86 -31.05
C VAL B 41 25.92 -3.50 -29.67
N GLU B 42 25.13 -2.85 -28.82
CA GLU B 42 24.74 -3.38 -27.51
C GLU B 42 23.31 -3.91 -27.55
N TYR B 43 23.15 -5.22 -27.33
CA TYR B 43 21.85 -5.85 -27.30
C TYR B 43 21.25 -5.61 -25.91
N GLN B 44 20.02 -5.13 -25.88
CA GLN B 44 19.38 -4.72 -24.65
C GLN B 44 18.15 -5.61 -24.49
N ILE B 45 18.14 -6.42 -23.43
CA ILE B 45 17.14 -7.46 -23.25
C ILE B 45 16.12 -7.04 -22.20
N ARG B 46 14.83 -7.16 -22.54
CA ARG B 46 13.71 -6.79 -21.67
C ARG B 46 12.87 -8.02 -21.34
N THR B 47 12.98 -8.50 -20.11
CA THR B 47 12.22 -9.66 -19.64
C THR B 47 11.29 -9.24 -18.49
N GLY B 48 10.22 -8.55 -18.86
CA GLY B 48 9.29 -8.01 -17.89
C GLY B 48 8.46 -9.06 -17.17
N GLY B 49 8.16 -10.16 -17.85
CA GLY B 49 7.31 -11.20 -17.30
C GLY B 49 7.91 -11.82 -16.05
N PHE B 50 9.20 -12.11 -16.12
CA PHE B 50 9.95 -12.59 -14.97
C PHE B 50 9.90 -11.59 -13.84
N PHE B 51 10.19 -10.35 -14.13
CA PHE B 51 10.23 -9.35 -13.07
C PHE B 51 8.89 -9.04 -12.44
N SER B 52 7.81 -9.07 -13.23
CA SER B 52 6.45 -9.00 -12.68
C SER B 52 6.12 -10.20 -11.77
N CYS B 53 6.50 -11.41 -12.20
CA CYS B 53 6.31 -12.59 -11.37
C CYS B 53 7.01 -12.52 -10.02
N LEU B 54 8.19 -11.89 -9.98
CA LEU B 54 8.94 -11.73 -8.75
C LEU B 54 8.36 -10.64 -7.87
N ALA B 55 7.70 -9.64 -8.45
CA ALA B 55 6.99 -8.61 -7.70
C ALA B 55 5.78 -9.08 -6.90
N LEU B 57 6.05 -11.07 -4.44
CA LEU B 57 6.48 -11.12 -3.07
C LEU B 57 5.96 -9.94 -2.27
N ARG B 58 5.46 -8.91 -2.96
CA ARG B 58 4.67 -7.84 -2.38
C ARG B 58 3.27 -7.77 -3.01
N PRO B 59 2.30 -8.54 -2.47
CA PRO B 59 1.00 -8.73 -3.15
C PRO B 59 0.16 -7.48 -3.40
N LEU B 60 0.10 -6.60 -2.41
CA LEU B 60 -0.65 -5.36 -2.61
C LEU B 60 -0.06 -4.48 -3.71
N GLN B 61 1.25 -4.53 -3.90
CA GLN B 61 1.90 -3.82 -4.96
C GLN B 61 1.70 -4.50 -6.29
N TYR B 62 1.75 -5.83 -6.35
CA TYR B 62 1.40 -6.55 -7.57
C TYR B 62 0.03 -6.11 -8.04
N ALA B 63 -0.94 -6.17 -7.13
CA ALA B 63 -2.33 -5.83 -7.44
C ALA B 63 -2.65 -4.36 -7.68
N LYS B 64 -1.79 -3.46 -7.19
CA LYS B 64 -2.04 -2.01 -7.11
C LYS B 64 -2.82 -1.37 -8.27
N ARG B 65 -2.32 -1.50 -9.50
CA ARG B 65 -3.01 -0.83 -10.62
C ARG B 65 -4.20 -1.59 -11.15
N GLU B 66 -4.12 -2.91 -11.14
CA GLU B 66 -5.20 -3.72 -11.69
C GLU B 66 -6.46 -3.72 -10.85
N ARG B 67 -6.36 -3.47 -9.55
CA ARG B 67 -7.56 -3.43 -8.69
C ARG B 67 -8.48 -2.25 -8.99
N LEU B 68 -7.93 -1.23 -9.64
CA LEU B 68 -8.70 -0.09 -10.13
C LEU B 68 -9.09 -0.22 -11.60
N LEU B 69 -8.90 -1.40 -12.18
CA LEU B 69 -9.45 -1.77 -13.49
C LEU B 69 -10.69 -2.62 -13.22
N GLY B 70 -11.79 -2.29 -13.91
CA GLY B 70 -13.08 -2.93 -13.68
C GLY B 70 -13.05 -4.38 -14.11
N GLN B 71 -14.20 -5.04 -14.07
CA GLN B 71 -14.31 -6.42 -14.54
C GLN B 71 -14.33 -6.53 -16.07
N ARG B 72 -14.16 -5.39 -16.73
CA ARG B 72 -14.10 -5.29 -18.18
C ARG B 72 -12.93 -6.10 -18.78
N ASN B 73 -11.69 -5.83 -18.35
CA ASN B 73 -10.49 -6.37 -19.02
C ASN B 73 -10.46 -7.91 -19.05
N LEU B 74 -10.88 -8.56 -17.97
CA LEU B 74 -10.93 -10.03 -17.92
C LEU B 74 -11.89 -10.60 -18.92
N GLU B 75 -13.02 -9.91 -19.07
CA GLU B 75 -14.10 -10.31 -19.96
C GLU B 75 -13.70 -10.04 -21.43
N ARG B 76 -12.96 -8.95 -21.68
CA ARG B 76 -12.34 -8.69 -23.00
C ARG B 76 -11.34 -9.78 -23.38
N ILE B 77 -10.41 -10.06 -22.47
CA ILE B 77 -9.34 -11.04 -22.68
C ILE B 77 -9.88 -12.42 -23.05
N SER B 78 -10.91 -12.87 -22.33
CA SER B 78 -11.55 -14.17 -22.61
C SER B 78 -12.27 -14.22 -23.96
N THR B 79 -12.95 -13.14 -24.34
CA THR B 79 -13.66 -13.10 -25.63
C THR B 79 -12.73 -13.06 -26.84
N ARG B 80 -11.43 -12.79 -26.64
CA ARG B 80 -10.48 -12.67 -27.75
C ARG B 80 -10.50 -13.91 -28.63
N ASP B 81 -10.06 -13.75 -29.88
CA ASP B 81 -10.16 -14.80 -30.89
C ASP B 81 -9.18 -15.95 -30.67
N ILE B 82 -7.92 -15.59 -30.50
CA ILE B 82 -6.86 -16.55 -30.18
C ILE B 82 -6.26 -16.15 -28.83
N LEU B 83 -6.28 -17.07 -27.87
CA LEU B 83 -5.75 -16.84 -26.53
C LEU B 83 -4.30 -17.31 -26.44
N GLN B 84 -3.35 -16.36 -26.39
CA GLN B 84 -1.95 -16.69 -26.12
C GLN B 84 -1.70 -16.97 -24.63
N THR B 85 -0.50 -17.43 -24.30
CA THR B 85 -0.19 -17.82 -22.92
C THR B 85 -0.30 -16.64 -21.95
N ARG B 86 0.06 -15.46 -22.42
CA ARG B 86 -0.15 -14.23 -21.65
C ARG B 86 -1.62 -13.95 -21.30
N ASP B 87 -2.52 -14.26 -22.22
CA ASP B 87 -3.94 -14.01 -22.02
C ASP B 87 -4.47 -14.96 -20.98
N LEU B 88 -4.04 -16.21 -21.07
CA LEU B 88 -4.45 -17.27 -20.13
C LEU B 88 -3.83 -17.09 -18.77
N HIS B 89 -2.59 -16.59 -18.73
CA HIS B 89 -1.96 -16.18 -17.46
C HIS B 89 -2.74 -15.09 -16.71
N SER B 90 -3.19 -14.05 -17.41
CA SER B 90 -4.08 -13.01 -16.83
C SER B 90 -5.36 -13.57 -16.17
N LEU B 91 -5.91 -14.63 -16.76
CA LEU B 91 -7.11 -15.31 -16.25
C LEU B 91 -6.82 -16.43 -15.26
N CYS B 92 -5.54 -16.69 -14.97
CA CYS B 92 -5.11 -17.74 -14.05
C CYS B 92 -5.57 -19.12 -14.52
N PRO B 94 -4.94 -22.76 -17.13
CA PRO B 94 -3.95 -23.61 -17.76
C PRO B 94 -3.50 -23.04 -19.10
N THR B 95 -2.20 -23.04 -19.30
CA THR B 95 -1.54 -22.42 -20.44
C THR B 95 -0.98 -23.54 -21.35
N PRO B 96 -1.79 -24.01 -22.31
CA PRO B 96 -1.22 -24.81 -23.39
C PRO B 96 -0.40 -23.90 -24.29
N ASP B 97 0.42 -24.50 -25.15
CA ASP B 97 1.47 -23.78 -25.90
C ASP B 97 2.58 -23.24 -24.98
N ALA B 98 2.60 -23.68 -23.73
CA ALA B 98 3.65 -23.36 -22.74
C ALA B 98 3.84 -24.58 -21.87
N PRO B 99 5.07 -24.77 -21.37
CA PRO B 99 5.35 -25.85 -20.45
C PRO B 99 4.47 -25.78 -19.24
N SER B 101 3.10 -28.29 -15.49
CA SER B 101 3.54 -29.19 -14.43
C SER B 101 2.40 -30.01 -13.89
N ASN B 102 2.72 -31.23 -13.46
CA ASN B 102 1.71 -32.10 -12.86
C ASN B 102 1.96 -32.35 -11.38
N HIS B 103 2.80 -31.50 -10.76
CA HIS B 103 3.35 -31.79 -9.44
C HIS B 103 2.45 -31.33 -8.31
N GLN B 104 2.12 -32.25 -7.42
CA GLN B 104 1.23 -32.02 -6.31
C GLN B 104 -0.06 -31.34 -6.72
N ALA B 105 -0.57 -31.71 -7.87
CA ALA B 105 -1.70 -31.04 -8.44
C ALA B 105 -2.96 -31.12 -7.58
N SER B 106 -3.15 -32.20 -6.85
CA SER B 106 -4.36 -32.28 -6.04
C SER B 106 -4.27 -31.40 -4.82
N THR B 107 -3.09 -31.38 -4.21
CA THR B 107 -2.89 -30.58 -3.01
C THR B 107 -3.00 -29.11 -3.35
N ARG B 109 -4.88 -27.99 -5.97
CA ARG B 109 -6.32 -27.81 -6.19
C ARG B 109 -7.04 -27.69 -4.87
N GLU B 110 -6.72 -28.55 -3.90
CA GLU B 110 -7.31 -28.46 -2.56
C GLU B 110 -7.02 -27.11 -1.92
N LEU B 111 -5.86 -26.54 -2.22
CA LEU B 111 -5.50 -25.23 -1.70
C LEU B 111 -6.33 -24.13 -2.33
N ILE B 112 -6.57 -24.22 -3.63
CA ILE B 112 -7.45 -23.26 -4.31
C ILE B 112 -8.82 -23.32 -3.64
N CYS B 113 -9.31 -24.54 -3.44
CA CYS B 113 -10.62 -24.75 -2.88
C CYS B 113 -10.74 -24.28 -1.44
N SER B 114 -9.73 -24.53 -0.62
CA SER B 114 -9.79 -24.09 0.77
C SER B 114 -9.63 -22.57 0.94
N TYR B 115 -8.65 -21.99 0.26
CA TYR B 115 -8.37 -20.55 0.34
C TYR B 115 -9.54 -19.75 -0.19
N PHE B 116 -10.02 -20.10 -1.39
CA PHE B 116 -11.08 -19.34 -2.06
C PHE B 116 -12.49 -19.78 -1.73
N LYS B 117 -12.62 -20.84 -0.92
CA LYS B 117 -13.93 -21.43 -0.56
C LYS B 117 -14.76 -21.70 -1.80
N VAL B 118 -14.23 -22.56 -2.67
CA VAL B 118 -14.79 -22.83 -3.98
C VAL B 118 -14.93 -24.36 -4.20
N ASP B 119 -15.77 -24.73 -5.16
CA ASP B 119 -16.12 -26.11 -5.46
C ASP B 119 -15.00 -26.85 -6.21
N HIS B 120 -15.05 -28.19 -6.23
CA HIS B 120 -14.12 -29.03 -7.01
C HIS B 120 -14.25 -28.87 -8.54
N ALA B 121 -15.47 -28.66 -9.05
CA ALA B 121 -15.67 -28.34 -10.48
C ALA B 121 -15.00 -27.05 -10.88
N ASP B 122 -15.02 -26.07 -9.99
CA ASP B 122 -14.28 -24.82 -10.18
C ASP B 122 -12.77 -25.05 -10.01
N GLY B 123 -12.40 -25.83 -8.99
CA GLY B 123 -11.02 -26.28 -8.84
C GLY B 123 -10.50 -26.92 -10.10
N LEU B 124 -11.34 -27.67 -10.80
CA LEU B 124 -10.96 -28.37 -12.03
C LEU B 124 -10.79 -27.48 -13.26
N LYS B 125 -11.18 -26.21 -13.17
CA LYS B 125 -10.95 -25.26 -14.25
C LYS B 125 -9.57 -24.63 -14.12
N TYR B 126 -9.13 -24.43 -12.88
CA TYR B 126 -7.76 -24.03 -12.57
C TYR B 126 -6.80 -25.19 -12.83
N ILE B 127 -7.06 -26.34 -12.21
CA ILE B 127 -6.22 -27.54 -12.37
C ILE B 127 -7.06 -28.75 -12.86
N PRO B 128 -7.12 -28.95 -14.20
CA PRO B 128 -7.86 -30.01 -14.85
C PRO B 128 -7.52 -31.45 -14.40
N ASP B 130 -6.27 -33.92 -16.37
CA ASP B 130 -4.91 -34.32 -16.86
C ASP B 130 -3.88 -34.01 -15.83
N GLU B 131 -4.21 -33.07 -14.95
CA GLU B 131 -3.50 -32.82 -13.70
C GLU B 131 -2.33 -31.89 -13.96
N ARG B 132 -2.38 -31.23 -15.11
CA ARG B 132 -1.31 -30.45 -15.67
C ARG B 132 -1.72 -29.00 -15.41
N TYR B 133 -0.85 -28.20 -14.75
CA TYR B 133 -1.10 -26.76 -14.47
C TYR B 133 0.11 -25.92 -14.79
N SER B 134 -0.09 -24.61 -14.89
CA SER B 134 1.01 -23.64 -15.07
C SER B 134 1.28 -23.02 -13.73
N PRO B 135 2.48 -23.22 -13.16
CA PRO B 135 2.65 -22.76 -11.78
C PRO B 135 2.52 -21.26 -11.57
N SER B 136 2.95 -20.45 -12.53
CA SER B 136 2.89 -18.99 -12.39
C SER B 136 1.47 -18.45 -12.44
N SER B 137 0.63 -19.06 -13.26
CA SER B 137 -0.80 -18.72 -13.28
C SER B 137 -1.41 -18.98 -11.93
N LEU B 138 -0.97 -20.03 -11.31
CA LEU B 138 -1.48 -20.43 -10.01
C LEU B 138 -0.97 -19.56 -8.88
N ALA B 139 0.26 -19.06 -9.02
CA ALA B 139 0.81 -18.02 -8.14
C ALA B 139 0.09 -16.72 -8.26
N ARG B 140 -0.11 -16.25 -9.49
CA ARG B 140 -0.92 -15.07 -9.71
C ARG B 140 -2.27 -15.21 -9.03
N LEU B 141 -2.93 -16.34 -9.18
CA LEU B 141 -4.20 -16.59 -8.51
C LEU B 141 -4.09 -16.33 -7.01
N PHE B 142 -3.11 -16.94 -6.36
CA PHE B 142 -2.97 -16.80 -4.92
C PHE B 142 -2.44 -15.44 -4.51
N THR B 143 -1.62 -14.81 -5.34
CA THR B 143 -1.02 -13.55 -4.98
C THR B 143 -2.09 -12.49 -4.98
N GLY B 145 -5.21 -13.12 -4.62
CA GLY B 145 -6.08 -13.51 -3.52
C GLY B 145 -5.65 -12.99 -2.18
N ALA B 147 -4.07 -10.24 -1.91
CA ALA B 147 -4.41 -8.83 -2.10
C ALA B 147 -5.90 -8.53 -2.07
N GLY B 148 -6.75 -9.55 -1.97
CA GLY B 148 -8.17 -9.37 -1.84
C GLY B 148 -8.99 -9.52 -3.11
N LEU B 149 -8.41 -10.08 -4.16
CA LEU B 149 -9.10 -10.28 -5.40
C LEU B 149 -8.97 -11.71 -5.88
N HIS B 150 -10.12 -12.37 -6.05
CA HIS B 150 -10.18 -13.71 -6.57
C HIS B 150 -10.52 -13.57 -8.01
N ILE B 151 -9.70 -14.16 -8.90
CA ILE B 151 -10.00 -14.25 -10.32
C ILE B 151 -10.88 -15.49 -10.40
N THR B 152 -12.11 -15.32 -10.86
CA THR B 152 -13.08 -16.37 -10.86
C THR B 152 -12.97 -17.07 -12.19
N THR B 153 -13.71 -18.18 -12.31
CA THR B 153 -13.67 -19.03 -13.49
C THR B 153 -14.44 -18.40 -14.65
N GLU B 154 -15.56 -17.73 -14.35
CA GLU B 154 -16.11 -16.77 -15.33
C GLU B 154 -15.21 -15.57 -15.18
N PRO B 155 -14.75 -15.01 -16.29
CA PRO B 155 -13.82 -13.90 -16.14
C PRO B 155 -14.47 -12.76 -15.32
N SER B 156 -14.16 -12.74 -14.03
CA SER B 156 -14.69 -11.76 -13.07
C SER B 156 -13.70 -11.58 -11.88
N TYR B 157 -13.73 -10.43 -11.20
CA TYR B 157 -12.99 -10.21 -9.95
C TYR B 157 -13.99 -10.29 -8.83
N LYS B 158 -13.80 -11.19 -7.88
CA LYS B 158 -14.63 -11.22 -6.68
C LYS B 158 -13.76 -10.79 -5.49
N ARG B 159 -14.34 -9.99 -4.60
CA ARG B 159 -13.62 -9.53 -3.41
C ARG B 159 -13.51 -10.59 -2.34
N VAL B 160 -12.28 -10.85 -1.91
CA VAL B 160 -11.94 -11.89 -0.93
C VAL B 160 -11.15 -11.15 0.15
N PRO B 161 -11.08 -11.68 1.38
CA PRO B 161 -10.37 -10.95 2.44
C PRO B 161 -8.90 -10.66 2.17
N ILE B 162 -8.48 -9.43 2.47
CA ILE B 162 -7.12 -8.98 2.24
C ILE B 162 -6.25 -9.45 3.40
N HIS B 164 -3.37 -9.66 6.15
CA HIS B 164 -2.67 -8.66 6.94
C HIS B 164 -1.21 -8.64 6.65
N LEU B 165 -0.62 -9.79 6.40
CA LEU B 165 0.77 -9.88 6.03
C LEU B 165 1.12 -9.05 4.77
N ALA B 166 0.20 -8.97 3.81
CA ALA B 166 0.44 -8.18 2.60
C ALA B 166 0.55 -6.70 2.91
N ALA B 167 -0.27 -6.22 3.84
CA ALA B 167 -0.20 -4.83 4.31
C ALA B 167 1.03 -4.57 5.18
N ASP B 168 1.38 -5.55 6.01
CA ASP B 168 2.56 -5.48 6.85
C ASP B 168 3.84 -5.39 6.04
N LEU B 169 3.89 -6.06 4.89
CA LEU B 169 5.09 -6.06 4.02
C LEU B 169 5.14 -4.94 3.01
N ASP B 170 4.03 -4.24 2.75
CA ASP B 170 3.94 -3.34 1.61
C ASP B 170 4.90 -2.16 1.73
N CYS B 171 5.35 -1.84 2.93
CA CYS B 171 6.40 -0.85 3.11
C CYS B 171 7.76 -1.28 2.50
N THR B 173 10.80 -2.80 0.26
CA THR B 173 11.15 -2.60 -1.14
C THR B 173 12.23 -3.56 -1.66
N LEU B 174 12.81 -4.39 -0.79
CA LEU B 174 13.78 -5.40 -1.17
C LEU B 174 13.49 -6.68 -0.43
N ALA B 175 13.75 -7.82 -1.06
CA ALA B 175 13.51 -9.11 -0.44
C ALA B 175 14.58 -10.10 -0.79
N LEU B 176 14.96 -10.94 0.18
CA LEU B 176 15.89 -12.04 -0.07
C LEU B 176 15.34 -13.33 0.55
N PRO B 177 14.93 -14.30 -0.29
CA PRO B 177 14.57 -15.61 0.22
C PRO B 177 15.79 -16.45 0.43
N TYR B 178 15.75 -17.30 1.44
CA TYR B 178 16.84 -18.21 1.72
C TYR B 178 16.35 -19.40 2.52
N ILE B 180 16.91 -21.99 5.85
CA ILE B 180 17.46 -21.97 7.20
C ILE B 180 17.43 -23.36 7.77
N THR B 181 18.20 -23.54 8.84
CA THR B 181 18.02 -24.70 9.69
C THR B 181 17.96 -24.23 11.16
N LEU B 182 17.39 -25.09 12.00
CA LEU B 182 17.35 -24.85 13.41
C LEU B 182 18.25 -25.88 14.08
N ASP B 183 19.43 -25.43 14.50
CA ASP B 183 20.34 -26.25 15.33
C ASP B 183 20.17 -25.99 16.84
N GLY B 184 18.94 -25.68 17.27
CA GLY B 184 18.60 -25.50 18.67
C GLY B 184 18.79 -24.07 19.14
N ASP B 185 17.67 -23.35 19.32
CA ASP B 185 17.67 -21.96 19.80
C ASP B 185 18.48 -20.94 18.96
N THR B 186 18.86 -21.32 17.74
CA THR B 186 19.55 -20.40 16.84
C THR B 186 19.32 -20.79 15.38
N VAL B 187 19.20 -19.78 14.53
CA VAL B 187 18.84 -19.97 13.13
C VAL B 187 20.01 -19.57 12.26
N VAL B 188 20.29 -20.38 11.25
CA VAL B 188 21.48 -20.20 10.39
C VAL B 188 21.14 -20.47 8.92
N PRO B 189 21.65 -19.61 8.01
CA PRO B 189 21.44 -19.89 6.60
C PRO B 189 22.12 -21.18 6.17
N VAL B 190 21.39 -22.01 5.42
CA VAL B 190 21.90 -23.24 4.84
C VAL B 190 21.66 -23.22 3.33
N ALA B 191 22.50 -23.95 2.60
CA ALA B 191 22.41 -23.99 1.14
C ALA B 191 21.27 -24.91 0.78
N PRO B 192 20.62 -24.66 -0.37
CA PRO B 192 19.49 -25.49 -0.78
C PRO B 192 19.95 -26.88 -1.15
N THR B 193 19.39 -27.88 -0.48
CA THR B 193 19.69 -29.28 -0.75
C THR B 193 18.55 -29.94 -1.55
N LEU B 194 17.32 -29.56 -1.20
CA LEU B 194 16.12 -30.00 -1.93
C LEU B 194 15.86 -29.07 -3.12
N SER B 195 14.96 -29.49 -3.97
CA SER B 195 14.55 -28.67 -5.09
C SER B 195 13.30 -27.93 -4.68
N ALA B 196 13.00 -26.87 -5.40
CA ALA B 196 11.86 -26.02 -5.07
C ALA B 196 10.61 -26.84 -5.01
N GLU B 197 10.46 -27.75 -5.96
CA GLU B 197 9.28 -28.59 -6.06
C GLU B 197 9.16 -29.43 -4.80
N GLN B 198 10.25 -30.04 -4.38
CA GLN B 198 10.24 -30.89 -3.19
C GLN B 198 9.81 -30.18 -1.91
N LEU B 199 9.79 -28.85 -1.93
CA LEU B 199 9.19 -28.09 -0.83
C LEU B 199 7.69 -28.25 -0.74
N LEU B 200 7.06 -28.40 -1.91
CA LEU B 200 5.64 -28.74 -2.02
C LEU B 200 5.26 -30.11 -1.53
N ASP B 201 6.21 -31.05 -1.47
CA ASP B 201 5.92 -32.40 -0.99
C ASP B 201 5.66 -32.43 0.51
N ASP B 202 4.93 -33.48 0.92
CA ASP B 202 4.49 -33.67 2.29
C ASP B 202 3.57 -32.55 2.81
N GLY B 203 2.64 -32.10 1.97
CA GLY B 203 1.70 -31.05 2.37
C GLY B 203 2.35 -29.72 2.72
N LEU B 204 3.37 -29.33 1.94
CA LEU B 204 4.04 -28.03 2.05
C LEU B 204 4.76 -27.81 3.40
N LYS B 205 5.36 -28.87 3.93
CA LYS B 205 5.96 -28.80 5.26
C LYS B 205 7.34 -28.20 5.22
N GLY B 206 8.10 -28.55 4.19
CA GLY B 206 9.45 -28.03 3.98
C GLY B 206 9.55 -26.53 3.83
N LEU B 207 8.42 -25.87 3.57
CA LEU B 207 8.36 -24.40 3.54
C LEU B 207 8.69 -23.74 4.87
N ALA B 208 8.53 -24.47 5.96
CA ALA B 208 8.77 -23.88 7.27
C ALA B 208 10.22 -23.47 7.40
N CYS B 209 11.11 -24.19 6.72
CA CYS B 209 12.53 -23.87 6.72
C CYS B 209 13.02 -22.93 5.59
N ASP B 211 13.03 -18.94 4.64
CA ASP B 211 12.75 -17.61 5.20
C ASP B 211 12.93 -16.59 4.10
N ILE B 212 12.28 -15.45 4.24
CA ILE B 212 12.43 -14.33 3.33
C ILE B 212 12.74 -13.09 4.18
N SER B 213 13.88 -12.46 3.92
CA SER B 213 14.25 -11.22 4.62
C SER B 213 13.81 -9.99 3.83
N TYR B 214 12.78 -9.31 4.31
CA TYR B 214 12.26 -8.15 3.64
C TYR B 214 12.93 -6.95 4.26
N GLY B 215 13.24 -5.94 3.46
CA GLY B 215 13.81 -4.70 3.98
C GLY B 215 13.79 -3.56 2.97
N CYS B 216 14.53 -2.49 3.26
CA CYS B 216 14.69 -1.34 2.34
C CYS B 216 16.19 -1.04 2.06
N SER B 229 23.45 -3.46 1.61
CA SER B 229 22.43 -3.43 0.51
C SER B 229 20.98 -3.26 0.97
N ASP B 231 18.18 -2.78 4.65
CA ASP B 231 18.08 -2.32 6.06
C ASP B 231 16.66 -2.59 6.66
N SER B 232 16.35 -1.99 7.84
CA SER B 232 15.05 -2.16 8.56
C SER B 232 14.46 -3.55 8.38
N SER B 233 15.38 -4.52 8.42
CA SER B 233 15.11 -5.85 7.92
C SER B 233 14.08 -6.49 8.83
N ARG B 234 13.10 -7.14 8.23
CA ARG B 234 12.16 -7.99 8.93
C ARG B 234 12.06 -9.30 8.17
N CYS B 235 12.19 -10.42 8.89
CA CYS B 235 12.01 -11.74 8.31
C CYS B 235 10.55 -12.13 8.37
N ILE B 236 10.07 -12.84 7.36
CA ILE B 236 8.69 -13.29 7.35
C ILE B 236 8.42 -14.27 8.49
N ASN B 237 9.42 -15.06 8.85
CA ASN B 237 9.27 -16.09 9.86
C ASN B 237 9.14 -15.58 11.29
N GLU B 238 9.71 -14.42 11.58
CA GLU B 238 9.52 -13.77 12.88
C GLU B 238 8.14 -13.13 13.01
N LEU B 239 7.51 -12.80 11.86
CA LEU B 239 6.10 -12.35 11.84
C LEU B 239 5.09 -13.50 11.86
N TYR B 240 5.54 -14.73 12.10
CA TYR B 240 4.65 -15.87 12.18
C TYR B 240 3.85 -15.88 13.46
N CYS B 241 2.54 -16.00 13.30
CA CYS B 241 1.60 -16.32 14.39
C CYS B 241 0.45 -17.14 13.80
N GLU B 242 -0.52 -17.50 14.62
CA GLU B 242 -1.72 -18.26 14.18
C GLU B 242 -2.50 -17.58 13.06
N GLU B 243 -2.61 -16.25 13.10
CA GLU B 243 -3.37 -15.49 12.10
C GLU B 243 -2.62 -15.23 10.81
N THR B 244 -1.32 -15.02 10.89
CA THR B 244 -0.49 -14.87 9.68
C THR B 244 0.07 -16.16 9.08
N ALA B 245 -0.18 -17.31 9.68
CA ALA B 245 0.43 -18.57 9.22
C ALA B 245 0.05 -18.92 7.80
N GLU B 246 -1.24 -18.86 7.51
CA GLU B 246 -1.71 -19.16 6.16
C GLU B 246 -1.10 -18.25 5.11
N ALA B 247 -1.01 -16.96 5.42
CA ALA B 247 -0.49 -15.99 4.49
C ALA B 247 0.99 -16.22 4.20
N ILE B 248 1.75 -16.62 5.21
CA ILE B 248 3.16 -16.92 5.02
C ILE B 248 3.34 -18.17 4.13
N CYS B 249 2.54 -19.19 4.36
CA CYS B 249 2.64 -20.38 3.53
C CYS B 249 2.34 -20.08 2.07
N VAL B 250 1.27 -19.32 1.83
CA VAL B 250 0.88 -18.98 0.46
C VAL B 250 1.97 -18.16 -0.24
N LEU B 251 2.56 -17.22 0.47
CA LEU B 251 3.56 -16.36 -0.10
C LEU B 251 4.76 -17.15 -0.52
N LYS B 252 5.23 -17.97 0.40
CA LYS B 252 6.30 -18.90 0.12
C LYS B 252 5.97 -19.86 -0.99
N THR B 253 4.71 -20.32 -1.05
CA THR B 253 4.27 -21.24 -2.10
C THR B 253 4.30 -20.60 -3.48
N CYS B 254 3.83 -19.36 -3.57
CA CYS B 254 3.85 -18.60 -4.83
C CYS B 254 5.26 -18.37 -5.34
N LEU B 255 6.21 -18.15 -4.42
CA LEU B 255 7.62 -18.03 -4.76
C LEU B 255 8.12 -19.30 -5.38
N VAL B 256 7.87 -20.42 -4.68
CA VAL B 256 8.21 -21.76 -5.16
C VAL B 256 7.59 -22.01 -6.51
N LEU B 257 6.35 -21.62 -6.70
CA LEU B 257 5.66 -21.83 -7.97
C LEU B 257 6.32 -21.07 -9.09
N ASN B 258 6.69 -19.83 -8.83
CA ASN B 258 7.40 -19.07 -9.86
C ASN B 258 8.74 -19.72 -10.16
N CYS B 259 9.39 -20.28 -9.15
CA CYS B 259 10.65 -21.01 -9.37
C CYS B 259 10.43 -22.21 -10.26
N GLN B 261 7.98 -22.72 -12.53
CA GLN B 261 7.79 -22.22 -13.89
C GLN B 261 9.11 -21.88 -14.57
N PHE B 262 10.01 -21.22 -13.87
CA PHE B 262 11.34 -20.92 -14.41
C PHE B 262 12.05 -22.19 -14.85
N LYS B 263 12.04 -23.19 -13.97
CA LYS B 263 12.73 -24.42 -14.20
C LYS B 263 12.12 -25.14 -15.38
N LEU B 264 10.80 -25.21 -15.41
CA LEU B 264 10.08 -25.85 -16.51
C LEU B 264 10.44 -25.22 -17.83
N GLU B 265 10.46 -23.89 -17.87
CA GLU B 265 10.71 -23.18 -19.12
C GLU B 265 12.14 -23.37 -19.57
N ASP B 267 14.17 -26.02 -18.79
CA ASP B 267 14.21 -27.41 -19.25
C ASP B 267 13.67 -27.52 -20.67
N ASP B 268 12.58 -26.80 -20.99
CA ASP B 268 12.00 -26.80 -22.34
C ASP B 268 12.85 -26.06 -23.37
N LEU B 269 13.45 -24.95 -22.97
CA LEU B 269 14.34 -24.21 -23.86
C LEU B 269 15.63 -24.97 -24.19
N ALA B 270 16.03 -25.89 -23.32
CA ALA B 270 17.18 -26.75 -23.63
C ALA B 270 16.92 -27.62 -24.88
N HIS B 271 15.65 -27.99 -25.11
CA HIS B 271 15.22 -28.81 -26.26
C HIS B 271 14.48 -28.04 -27.35
N ASN B 272 14.06 -26.81 -27.08
CA ASN B 272 13.40 -25.97 -28.08
C ASN B 272 14.50 -25.32 -28.93
N ALA B 273 14.88 -26.01 -30.00
CA ALA B 273 15.93 -25.52 -30.87
C ALA B 273 15.57 -24.21 -31.60
N ALA B 274 14.32 -24.08 -32.04
CA ALA B 274 13.85 -22.88 -32.77
C ALA B 274 14.23 -21.58 -32.07
N GLU B 275 13.91 -21.48 -30.78
CA GLU B 275 14.16 -20.24 -30.02
C GLU B 275 15.63 -20.12 -29.60
N LEU B 276 16.29 -21.27 -29.38
CA LEU B 276 17.70 -21.29 -28.97
C LEU B 276 18.66 -20.90 -30.11
N ASP B 277 18.38 -21.37 -31.32
CA ASP B 277 19.07 -20.92 -32.54
C ASP B 277 18.86 -19.45 -32.79
N LYS B 278 17.67 -18.95 -32.43
CA LYS B 278 17.32 -17.54 -32.56
C LYS B 278 18.22 -16.66 -31.69
N ILE B 279 18.61 -17.18 -30.54
CA ILE B 279 19.58 -16.52 -29.69
C ILE B 279 20.98 -16.71 -30.27
N GLN B 280 21.46 -15.70 -31.00
CA GLN B 280 22.77 -15.77 -31.66
C GLN B 280 23.90 -15.63 -30.65
N ILE B 283 25.73 -13.22 -25.25
CA ILE B 283 26.19 -13.27 -23.88
C ILE B 283 25.29 -12.40 -22.98
N PRO B 284 24.82 -11.23 -23.48
CA PRO B 284 23.78 -10.50 -22.76
C PRO B 284 22.60 -11.33 -22.28
N PHE B 285 22.18 -12.32 -23.09
CA PHE B 285 21.07 -13.20 -22.71
C PHE B 285 21.48 -14.21 -21.66
N SER B 286 22.69 -14.72 -21.75
CA SER B 286 23.12 -15.73 -20.80
C SER B 286 23.40 -15.19 -19.40
N GLU B 287 23.82 -13.93 -19.33
CA GLU B 287 23.92 -13.22 -18.04
C GLU B 287 22.55 -12.77 -17.53
N ARG B 288 21.60 -12.54 -18.43
CA ARG B 288 20.21 -12.34 -17.99
C ARG B 288 19.72 -13.61 -17.30
N VAL B 289 19.90 -14.74 -17.95
CA VAL B 289 19.51 -16.03 -17.40
C VAL B 289 20.19 -16.29 -16.06
N PHE B 290 21.42 -15.82 -15.90
CA PHE B 290 22.11 -15.87 -14.60
C PHE B 290 21.39 -15.03 -13.52
N ARG B 291 21.01 -13.79 -13.86
CA ARG B 291 20.21 -12.96 -12.95
C ARG B 291 18.97 -13.70 -12.50
N ALA B 293 18.10 -16.91 -12.75
CA ALA B 293 18.34 -18.08 -11.92
C ALA B 293 18.88 -17.73 -10.53
N SER B 294 19.62 -16.63 -10.41
CA SER B 294 20.15 -16.21 -9.11
C SER B 294 19.06 -15.88 -8.14
N SER B 295 17.92 -15.42 -8.64
CA SER B 295 16.77 -15.18 -7.79
C SER B 295 16.44 -16.43 -6.98
N PHE B 296 16.52 -17.60 -7.60
CA PHE B 296 16.16 -18.88 -6.97
C PHE B 296 17.34 -19.70 -6.46
N ALA B 297 18.55 -19.19 -6.62
CA ALA B 297 19.77 -19.90 -6.23
C ALA B 297 19.87 -20.16 -4.74
N THR B 298 19.10 -19.46 -3.95
CA THR B 298 19.06 -19.65 -2.49
C THR B 298 17.98 -20.64 -2.00
N ILE B 299 17.08 -21.08 -2.88
CA ILE B 299 15.98 -21.98 -2.50
C ILE B 299 15.85 -23.23 -3.38
N ASP B 300 16.48 -23.25 -4.55
CA ASP B 300 16.46 -24.39 -5.43
C ASP B 300 17.89 -24.88 -5.65
N ALA B 301 18.10 -26.18 -5.43
CA ALA B 301 19.43 -26.80 -5.57
C ALA B 301 19.94 -26.73 -6.99
N GLN B 302 19.09 -27.01 -7.97
CA GLN B 302 19.53 -26.95 -9.35
C GLN B 302 20.01 -25.54 -9.71
N CYS B 303 19.22 -24.52 -9.39
CA CYS B 303 19.61 -23.16 -9.72
C CYS B 303 20.86 -22.71 -8.95
N PHE B 304 21.09 -23.29 -7.77
CA PHE B 304 22.31 -23.03 -7.02
C PHE B 304 23.48 -23.54 -7.84
N ARG B 305 23.46 -24.84 -8.13
CA ARG B 305 24.54 -25.48 -8.87
C ARG B 305 24.75 -24.83 -10.26
N PHE B 306 23.68 -24.40 -10.90
CA PHE B 306 23.79 -23.70 -12.17
C PHE B 306 24.52 -22.36 -12.04
N CYS B 307 24.19 -21.59 -11.00
CA CYS B 307 24.74 -20.25 -10.86
C CYS B 307 26.18 -20.28 -10.41
N VAL B 308 26.51 -21.21 -9.52
CA VAL B 308 27.90 -21.42 -9.15
C VAL B 308 28.74 -21.79 -10.37
N LYS B 311 29.17 -18.63 -12.79
CA LYS B 311 30.09 -17.66 -12.15
C LYS B 311 31.52 -18.18 -12.13
N ASP B 312 31.72 -19.49 -12.11
CA ASP B 312 33.05 -20.08 -12.30
C ASP B 312 33.62 -19.85 -13.71
N LYS B 313 32.76 -19.65 -14.70
CA LYS B 313 33.19 -19.29 -16.06
C LYS B 313 33.01 -17.80 -16.36
N ASN B 314 32.97 -16.98 -15.31
CA ASN B 314 32.99 -15.51 -15.43
C ASN B 314 31.86 -14.92 -16.30
N LEU B 315 30.82 -15.72 -16.54
CA LEU B 315 29.61 -15.29 -17.26
C LEU B 315 29.81 -14.86 -18.72
N LYS B 316 30.96 -15.17 -19.31
CA LYS B 316 31.20 -14.92 -20.71
C LYS B 316 31.00 -16.26 -21.41
N ILE B 317 29.72 -16.65 -21.51
CA ILE B 317 29.27 -17.91 -22.09
C ILE B 317 28.11 -17.61 -23.06
N ASP B 318 28.07 -18.35 -24.16
CA ASP B 318 26.95 -18.28 -25.10
C ASP B 318 25.82 -19.21 -24.66
N ARG B 320 24.12 -21.60 -25.85
CA ARG B 320 24.19 -23.02 -26.13
C ARG B 320 24.88 -23.73 -24.97
N GLU B 321 26.07 -23.25 -24.60
CA GLU B 321 26.86 -23.84 -23.52
C GLU B 321 26.17 -23.62 -22.19
N THR B 322 25.59 -22.43 -22.05
CA THR B 322 24.73 -22.08 -20.92
C THR B 322 23.62 -23.09 -20.66
N THR B 323 22.75 -23.34 -21.62
CA THR B 323 21.61 -24.25 -21.38
C THR B 323 22.07 -25.73 -21.45
N ARG B 324 23.35 -25.95 -21.76
CA ARG B 324 24.04 -27.24 -21.56
C ARG B 324 24.38 -27.46 -20.07
N LEU B 325 24.83 -26.37 -19.44
CA LEU B 325 25.08 -26.32 -18.01
C LEU B 325 23.81 -26.55 -17.18
N TRP B 326 22.73 -25.90 -17.58
CA TRP B 326 21.44 -26.11 -16.96
C TRP B 326 21.17 -27.60 -16.91
N THR B 327 21.28 -28.26 -18.06
CA THR B 327 20.98 -29.69 -18.15
C THR B 327 21.86 -30.52 -17.21
N ARG B 328 23.13 -30.16 -17.10
CA ARG B 328 24.05 -30.90 -16.24
C ARG B 328 23.82 -30.59 -14.75
N SER B 329 23.41 -29.35 -14.45
CA SER B 329 23.21 -28.91 -13.06
C SER B 329 22.02 -29.56 -12.32
N ALA B 330 21.20 -30.32 -13.04
CA ALA B 330 20.18 -31.15 -12.42
C ALA B 330 20.71 -32.32 -11.59
N SER B 331 22.02 -32.61 -11.68
CA SER B 331 22.60 -33.76 -10.99
C SER B 331 23.56 -33.33 -9.89
N ASP B 332 23.41 -33.91 -8.72
CA ASP B 332 24.19 -33.54 -7.54
C ASP B 332 25.72 -33.45 -7.78
N ASP B 333 26.26 -34.41 -8.54
CA ASP B 333 27.72 -34.53 -8.77
C ASP B 333 28.30 -33.67 -9.92
N SER B 334 27.57 -32.64 -10.29
CA SER B 334 27.97 -31.71 -11.34
C SER B 334 28.96 -30.63 -10.80
N VAL B 335 28.78 -30.30 -9.51
CA VAL B 335 29.67 -29.41 -8.74
C VAL B 335 29.76 -29.88 -7.32
N ALA B 336 30.86 -29.55 -6.67
CA ALA B 336 31.07 -29.98 -5.31
C ALA B 336 30.53 -28.90 -4.36
N THR B 337 29.53 -29.29 -3.56
CA THR B 337 28.98 -28.51 -2.44
C THR B 337 29.00 -29.40 -1.16
N SER B 338 29.39 -28.78 -0.05
CA SER B 338 29.73 -29.41 1.25
C SER B 338 30.88 -28.53 1.66
N SER B 339 31.75 -28.38 0.67
CA SER B 339 32.86 -27.46 0.67
C SER B 339 32.38 -26.04 0.92
N LEU B 340 31.40 -25.58 0.14
CA LEU B 340 30.88 -24.22 0.27
C LEU B 340 30.21 -23.99 1.62
N SER B 341 30.49 -22.81 2.18
CA SER B 341 29.89 -22.35 3.43
C SER B 341 29.25 -21.00 3.14
N ILE B 342 28.06 -20.78 3.68
CA ILE B 342 27.25 -19.65 3.27
C ILE B 342 26.91 -18.76 4.43
N SER B 343 26.95 -17.46 4.19
CA SER B 343 26.62 -16.48 5.20
C SER B 343 25.72 -15.42 4.58
N LEU B 344 25.14 -14.61 5.45
CA LEU B 344 24.14 -13.64 5.06
C LEU B 344 24.40 -12.38 5.89
N ASP B 345 24.66 -11.26 5.22
CA ASP B 345 24.88 -9.97 5.90
C ASP B 345 24.44 -8.84 4.96
N ARG B 346 24.17 -7.63 5.47
CA ARG B 346 23.82 -6.46 4.60
C ARG B 346 22.71 -6.81 3.55
N GLY B 347 21.93 -7.87 3.80
CA GLY B 347 20.90 -8.32 2.86
C GLY B 347 21.31 -9.10 1.62
N ARG B 348 22.58 -9.49 1.50
CA ARG B 348 22.99 -10.41 0.42
C ARG B 348 23.63 -11.70 0.94
N TRP B 349 23.38 -12.74 0.17
CA TRP B 349 23.72 -14.12 0.48
C TRP B 349 25.00 -14.42 -0.25
N VAL B 350 25.96 -15.01 0.44
CA VAL B 350 27.26 -15.36 -0.14
C VAL B 350 27.54 -16.82 0.14
N ALA B 351 27.98 -17.52 -0.89
CA ALA B 351 28.48 -18.87 -0.76
C ALA B 351 29.96 -18.80 -1.08
N ALA B 352 30.80 -19.20 -0.12
CA ALA B 352 32.25 -19.15 -0.27
C ALA B 352 32.95 -20.48 0.06
N ASP B 353 33.97 -20.81 -0.74
CA ASP B 353 34.76 -22.02 -0.55
C ASP B 353 36.15 -21.65 -0.06
N ALA B 354 36.38 -21.79 1.24
CA ALA B 354 37.67 -21.48 1.85
C ALA B 354 38.14 -20.07 1.48
N SER B 355 37.26 -19.08 1.74
CA SER B 355 37.52 -17.64 1.46
C SER B 355 37.53 -17.22 -0.02
N ASP B 356 37.10 -18.11 -0.92
CA ASP B 356 36.88 -17.78 -2.33
C ASP B 356 35.37 -17.64 -2.55
N ALA B 357 34.91 -16.47 -2.98
CA ALA B 357 33.47 -16.22 -3.22
C ALA B 357 32.98 -16.91 -4.49
N ARG B 358 32.18 -17.96 -4.29
CA ARG B 358 31.71 -18.81 -5.38
C ARG B 358 30.36 -18.40 -5.98
N LEU B 359 29.54 -17.71 -5.18
CA LEU B 359 28.31 -17.10 -5.64
C LEU B 359 27.85 -16.00 -4.70
N LEU B 360 27.47 -14.85 -5.24
CA LEU B 360 26.84 -13.78 -4.46
C LEU B 360 25.45 -13.51 -5.00
N VAL B 361 24.43 -13.65 -4.15
CA VAL B 361 23.04 -13.39 -4.49
C VAL B 361 22.59 -12.15 -3.76
N PHE B 362 22.12 -11.16 -4.50
CA PHE B 362 21.64 -9.91 -3.92
C PHE B 362 20.13 -9.93 -3.80
N PRO B 363 19.58 -9.11 -2.91
CA PRO B 363 18.13 -9.11 -2.78
C PRO B 363 17.41 -8.67 -4.02
N ILE B 364 16.15 -9.10 -4.14
CA ILE B 364 15.31 -8.70 -5.26
C ILE B 364 14.39 -7.53 -4.86
N ARG B 365 14.35 -6.55 -5.73
CA ARG B 365 13.46 -5.39 -5.65
C ARG B 365 11.97 -5.77 -5.74
N VAL B 366 11.17 -5.23 -4.81
CA VAL B 366 9.76 -5.60 -4.59
C VAL B 366 9.63 -7.08 -4.34
#